data_7ELK
#
_entry.id   7ELK
#
_cell.length_a   1.000
_cell.length_b   1.000
_cell.length_c   1.000
_cell.angle_alpha   90.00
_cell.angle_beta   90.00
_cell.angle_gamma   90.00
#
_symmetry.space_group_name_H-M   'P 1'
#
_entity_poly.entity_id   1
_entity_poly.type   'polypeptide(L)'
_entity_poly.pdbx_seq_one_letter_code
;STAPAKKYTRKMWSVQESEWLKQGVVRYGVGHWERIRSAFPFAGRTAVNLKDRWRTMVKLKMV
;
_entity_poly.pdbx_strand_id   A
#
# COMPACT_ATOMS: atom_id res chain seq x y z
N SER A 1 6.96 -12.36 -2.92
CA SER A 1 5.57 -12.68 -2.60
C SER A 1 4.68 -11.44 -2.72
N THR A 2 3.38 -11.66 -2.77
CA THR A 2 2.42 -10.57 -2.89
C THR A 2 1.69 -10.33 -1.57
N ALA A 3 0.93 -9.25 -1.50
CA ALA A 3 0.19 -8.91 -0.29
C ALA A 3 -1.02 -9.82 -0.12
N PRO A 4 -1.54 -9.90 1.10
CA PRO A 4 -2.70 -10.74 1.43
C PRO A 4 -4.00 -10.19 0.82
N ALA A 5 -5.12 -10.78 1.21
CA ALA A 5 -6.41 -10.34 0.70
C ALA A 5 -7.32 -9.86 1.84
N LYS A 6 -8.55 -9.51 1.50
CA LYS A 6 -9.51 -9.03 2.48
C LYS A 6 -10.89 -8.82 1.85
N LYS A 7 -11.85 -9.63 2.27
CA LYS A 7 -13.20 -9.53 1.75
C LYS A 7 -13.75 -8.11 1.89
N TYR A 8 -14.06 -7.49 0.76
CA TYR A 8 -14.58 -6.13 0.75
C TYR A 8 -15.23 -5.79 -0.58
N THR A 9 -15.81 -4.60 -0.67
CA THR A 9 -16.46 -4.15 -1.90
C THR A 9 -15.76 -2.94 -2.49
N ARG A 10 -15.21 -3.10 -3.69
CA ARG A 10 -14.51 -2.01 -4.35
C ARG A 10 -14.04 -2.44 -5.75
N LYS A 11 -13.71 -1.46 -6.59
CA LYS A 11 -13.25 -1.73 -7.94
C LYS A 11 -12.11 -2.75 -7.94
N MET A 12 -11.79 -3.28 -9.11
CA MET A 12 -10.72 -4.26 -9.24
C MET A 12 -9.38 -3.64 -8.87
N TRP A 13 -8.99 -3.78 -7.61
CA TRP A 13 -7.72 -3.24 -7.13
C TRP A 13 -6.58 -4.23 -7.36
N SER A 14 -5.42 -3.71 -7.73
CA SER A 14 -4.26 -4.55 -7.97
C SER A 14 -3.42 -4.72 -6.70
N VAL A 15 -3.16 -5.98 -6.34
CA VAL A 15 -2.38 -6.28 -5.15
C VAL A 15 -0.97 -5.72 -5.26
N GLN A 16 -0.50 -5.54 -6.50
CA GLN A 16 0.84 -5.02 -6.74
C GLN A 16 1.06 -3.71 -6.00
N GLU A 17 0.12 -2.77 -6.17
CA GLU A 17 0.21 -1.47 -5.51
C GLU A 17 0.44 -1.64 -4.00
N SER A 18 -0.10 -2.72 -3.44
CA SER A 18 0.05 -3.00 -2.01
C SER A 18 1.47 -3.41 -1.69
N GLU A 19 2.03 -4.31 -2.49
CA GLU A 19 3.40 -4.78 -2.28
C GLU A 19 4.37 -3.61 -2.16
N TRP A 20 4.23 -2.64 -3.06
CA TRP A 20 5.10 -1.46 -3.05
C TRP A 20 4.77 -0.55 -1.87
N LEU A 21 3.51 -0.56 -1.46
CA LEU A 21 3.07 0.26 -0.34
C LEU A 21 3.65 -0.25 0.98
N LYS A 22 3.50 -1.55 1.21
CA LYS A 22 4.01 -2.17 2.44
C LYS A 22 5.52 -1.96 2.57
N GLN A 23 6.26 -2.47 1.58
CA GLN A 23 7.71 -2.33 1.58
C GLN A 23 8.13 -0.87 1.51
N GLY A 24 7.38 -0.08 0.75
CA GLY A 24 7.69 1.33 0.61
C GLY A 24 7.67 2.06 1.94
N VAL A 25 6.67 1.75 2.76
CA VAL A 25 6.54 2.38 4.07
C VAL A 25 7.57 1.83 5.06
N VAL A 26 7.97 0.58 4.84
CA VAL A 26 8.95 -0.06 5.70
C VAL A 26 10.36 0.45 5.43
N ARG A 27 10.62 0.81 4.18
CA ARG A 27 11.92 1.32 3.78
C ARG A 27 11.95 2.85 3.84
N TYR A 28 10.90 3.47 3.32
CA TYR A 28 10.80 4.93 3.31
C TYR A 28 10.22 5.44 4.62
N GLY A 29 9.77 4.52 5.47
CA GLY A 29 9.20 4.90 6.75
C GLY A 29 7.88 5.64 6.59
N VAL A 30 6.88 5.21 7.36
CA VAL A 30 5.56 5.84 7.31
C VAL A 30 5.67 7.35 7.30
N GLY A 31 4.63 8.02 6.82
CA GLY A 31 4.63 9.46 6.77
C GLY A 31 4.92 10.00 5.38
N HIS A 32 5.59 9.19 4.56
CA HIS A 32 5.93 9.58 3.21
C HIS A 32 4.88 9.10 2.22
N TRP A 33 3.62 9.39 2.50
CA TRP A 33 2.53 8.99 1.64
C TRP A 33 2.78 9.41 0.20
N GLU A 34 3.32 10.61 0.02
CA GLU A 34 3.61 11.12 -1.31
C GLU A 34 4.77 10.36 -1.94
N ARG A 35 5.95 10.45 -1.31
CA ARG A 35 7.14 9.77 -1.82
C ARG A 35 6.83 8.31 -2.14
N ILE A 36 6.03 7.68 -1.29
CA ILE A 36 5.66 6.28 -1.49
C ILE A 36 4.60 6.14 -2.57
N ARG A 37 3.72 7.13 -2.65
CA ARG A 37 2.65 7.12 -3.66
C ARG A 37 3.22 6.92 -5.06
N SER A 38 4.44 7.41 -5.26
CA SER A 38 5.10 7.29 -6.56
C SER A 38 5.31 5.83 -6.94
N ALA A 39 5.19 4.95 -5.96
CA ALA A 39 5.36 3.52 -6.19
C ALA A 39 4.53 3.05 -7.38
N PHE A 40 3.24 3.38 -7.36
CA PHE A 40 2.35 3.00 -8.44
C PHE A 40 1.98 4.19 -9.30
N PRO A 41 1.58 3.92 -10.56
CA PRO A 41 1.21 4.96 -11.52
C PRO A 41 -0.11 5.64 -11.15
N PHE A 42 -0.05 6.55 -10.17
CA PHE A 42 -1.24 7.26 -9.72
C PHE A 42 -1.89 8.02 -10.88
N ALA A 43 -3.21 7.96 -10.94
CA ALA A 43 -3.96 8.64 -12.00
C ALA A 43 -4.99 9.60 -11.41
N GLY A 44 -5.57 9.22 -10.28
CA GLY A 44 -6.56 10.06 -9.64
C GLY A 44 -6.67 9.78 -8.15
N ARG A 45 -5.64 9.18 -7.59
CA ARG A 45 -5.63 8.87 -6.16
C ARG A 45 -4.76 9.85 -5.39
N THR A 46 -5.23 10.24 -4.20
CA THR A 46 -4.49 11.19 -3.37
C THR A 46 -3.62 10.45 -2.35
N ALA A 47 -2.75 11.20 -1.69
CA ALA A 47 -1.86 10.62 -0.69
C ALA A 47 -2.65 9.82 0.35
N VAL A 48 -3.90 10.22 0.57
CA VAL A 48 -4.76 9.55 1.54
C VAL A 48 -4.87 8.05 1.21
N ASN A 49 -4.84 7.73 -0.07
CA ASN A 49 -4.94 6.34 -0.51
C ASN A 49 -3.81 5.50 0.07
N LEU A 50 -2.66 6.13 0.27
CA LEU A 50 -1.49 5.45 0.81
C LEU A 50 -1.63 5.26 2.32
N LYS A 51 -1.86 6.36 3.03
CA LYS A 51 -2.01 6.33 4.48
C LYS A 51 -3.22 5.49 4.88
N ASP A 52 -4.18 5.37 3.96
CA ASP A 52 -5.39 4.60 4.22
C ASP A 52 -5.09 3.10 4.18
N ARG A 53 -4.71 2.61 3.01
CA ARG A 53 -4.40 1.20 2.84
C ARG A 53 -3.40 0.72 3.90
N TRP A 54 -2.51 1.62 4.31
CA TRP A 54 -1.50 1.31 5.32
C TRP A 54 -2.13 1.20 6.70
N ARG A 55 -2.97 2.18 7.04
CA ARG A 55 -3.64 2.20 8.34
C ARG A 55 -4.48 0.95 8.53
N THR A 56 -5.29 0.62 7.53
CA THR A 56 -6.15 -0.56 7.60
C THR A 56 -5.34 -1.83 7.76
N MET A 57 -4.34 -2.01 6.90
CA MET A 57 -3.48 -3.18 6.95
C MET A 57 -2.83 -3.33 8.32
N VAL A 58 -2.53 -2.19 8.94
CA VAL A 58 -1.90 -2.19 10.26
C VAL A 58 -2.84 -2.78 11.31
N LYS A 59 -4.12 -2.45 11.20
CA LYS A 59 -5.12 -2.95 12.15
C LYS A 59 -5.23 -4.46 12.06
N LEU A 60 -5.16 -4.99 10.85
CA LEU A 60 -5.26 -6.43 10.63
C LEU A 60 -3.87 -7.07 10.60
N LYS A 61 -2.88 -6.35 11.12
CA LYS A 61 -1.51 -6.85 11.16
C LYS A 61 -1.23 -7.75 9.97
N MET A 62 -1.59 -7.28 8.78
CA MET A 62 -1.37 -8.06 7.56
C MET A 62 -0.13 -7.56 6.82
N VAL A 63 0.10 -6.26 6.87
CA VAL A 63 1.25 -5.65 6.21
C VAL A 63 2.56 -6.27 6.71
N SER A 1 9.31 -11.90 -0.84
CA SER A 1 8.57 -11.91 0.42
C SER A 1 7.33 -12.79 0.31
N THR A 2 6.61 -12.93 1.41
CA THR A 2 5.40 -13.74 1.44
C THR A 2 4.23 -12.97 2.06
N ALA A 3 3.76 -11.95 1.34
CA ALA A 3 2.65 -11.14 1.81
C ALA A 3 1.33 -11.90 1.72
N PRO A 4 0.32 -11.45 2.48
CA PRO A 4 -1.01 -12.08 2.49
C PRO A 4 -1.76 -11.86 1.19
N ALA A 5 -2.94 -12.47 1.08
CA ALA A 5 -3.76 -12.33 -0.11
C ALA A 5 -3.00 -12.80 -1.35
N LYS A 6 -2.45 -14.00 -1.29
CA LYS A 6 -1.70 -14.55 -2.41
C LYS A 6 -2.64 -15.02 -3.52
N LYS A 7 -2.97 -14.11 -4.43
CA LYS A 7 -3.87 -14.43 -5.53
C LYS A 7 -3.40 -13.76 -6.82
N TYR A 8 -3.85 -14.29 -7.95
CA TYR A 8 -3.47 -13.74 -9.25
C TYR A 8 -3.81 -12.26 -9.33
N THR A 9 -3.18 -11.57 -10.28
CA THR A 9 -3.41 -10.14 -10.46
C THR A 9 -4.65 -9.89 -11.32
N ARG A 10 -5.49 -8.95 -10.88
CA ARG A 10 -6.71 -8.62 -11.61
C ARG A 10 -6.48 -7.41 -12.51
N LYS A 11 -7.48 -7.10 -13.33
CA LYS A 11 -7.39 -5.97 -14.25
C LYS A 11 -7.60 -4.65 -13.51
N MET A 12 -8.76 -4.51 -12.87
CA MET A 12 -9.09 -3.30 -12.12
C MET A 12 -8.17 -3.15 -10.91
N TRP A 13 -8.40 -3.97 -9.90
CA TRP A 13 -7.58 -3.93 -8.68
C TRP A 13 -6.30 -4.72 -8.85
N SER A 14 -5.19 -4.17 -8.36
CA SER A 14 -3.90 -4.83 -8.47
C SER A 14 -3.24 -4.94 -7.10
N VAL A 15 -2.84 -6.16 -6.75
CA VAL A 15 -2.20 -6.43 -5.47
C VAL A 15 -0.82 -5.78 -5.41
N GLN A 16 -0.21 -5.60 -6.58
CA GLN A 16 1.12 -4.99 -6.66
C GLN A 16 1.15 -3.65 -5.95
N GLU A 17 0.14 -2.83 -6.20
CA GLU A 17 0.05 -1.52 -5.58
C GLU A 17 0.19 -1.60 -4.06
N SER A 18 -0.50 -2.57 -3.47
CA SER A 18 -0.45 -2.77 -2.03
C SER A 18 0.93 -3.26 -1.60
N GLU A 19 1.57 -4.05 -2.45
CA GLU A 19 2.89 -4.58 -2.16
C GLU A 19 3.92 -3.45 -2.04
N TRP A 20 3.86 -2.51 -2.97
CA TRP A 20 4.79 -1.38 -2.96
C TRP A 20 4.50 -0.44 -1.80
N LEU A 21 3.24 -0.37 -1.39
CA LEU A 21 2.84 0.48 -0.28
C LEU A 21 3.36 -0.05 1.04
N LYS A 22 3.13 -1.34 1.29
CA LYS A 22 3.59 -1.97 2.52
C LYS A 22 5.10 -1.82 2.68
N GLN A 23 5.86 -2.36 1.73
CA GLN A 23 7.31 -2.28 1.78
C GLN A 23 7.78 -0.83 1.67
N GLY A 24 7.07 -0.06 0.86
CA GLY A 24 7.42 1.34 0.68
C GLY A 24 7.45 2.11 1.98
N VAL A 25 6.44 1.88 2.82
CA VAL A 25 6.34 2.55 4.10
C VAL A 25 7.35 1.99 5.10
N VAL A 26 7.68 0.71 4.92
CA VAL A 26 8.63 0.05 5.81
C VAL A 26 10.06 0.49 5.52
N ARG A 27 10.34 0.79 4.26
CA ARG A 27 11.67 1.22 3.85
C ARG A 27 11.77 2.75 3.87
N TYR A 28 10.75 3.41 3.33
CA TYR A 28 10.73 4.86 3.29
C TYR A 28 10.18 5.45 4.59
N GLY A 29 9.69 4.57 5.45
CA GLY A 29 9.14 5.00 6.73
C GLY A 29 7.86 5.81 6.57
N VAL A 30 6.85 5.46 7.33
CA VAL A 30 5.57 6.15 7.27
C VAL A 30 5.76 7.67 7.24
N GLY A 31 4.75 8.39 6.77
CA GLY A 31 4.83 9.83 6.69
C GLY A 31 5.15 10.33 5.29
N HIS A 32 5.76 9.47 4.49
CA HIS A 32 6.11 9.83 3.12
C HIS A 32 5.07 9.32 2.14
N TRP A 33 3.80 9.59 2.43
CA TRP A 33 2.71 9.15 1.57
C TRP A 33 2.97 9.53 0.12
N GLU A 34 3.48 10.75 -0.08
CA GLU A 34 3.77 11.24 -1.42
C GLU A 34 4.92 10.45 -2.05
N ARG A 35 6.08 10.52 -1.42
CA ARG A 35 7.27 9.81 -1.92
C ARG A 35 6.93 8.35 -2.23
N ILE A 36 6.13 7.74 -1.37
CA ILE A 36 5.72 6.34 -1.56
C ILE A 36 4.67 6.21 -2.65
N ARG A 37 3.82 7.23 -2.78
CA ARG A 37 2.77 7.23 -3.78
C ARG A 37 3.35 7.00 -5.18
N SER A 38 4.57 7.48 -5.38
CA SER A 38 5.24 7.34 -6.67
C SER A 38 5.44 5.87 -7.01
N ALA A 39 5.32 5.01 -6.01
CA ALA A 39 5.49 3.57 -6.20
C ALA A 39 4.68 3.07 -7.39
N PHE A 40 3.39 3.39 -7.40
CA PHE A 40 2.51 2.98 -8.48
C PHE A 40 2.07 4.16 -9.32
N PRO A 41 1.68 3.90 -10.57
CA PRO A 41 1.23 4.95 -11.51
C PRO A 41 -0.11 5.54 -11.10
N PHE A 42 -0.09 6.42 -10.11
CA PHE A 42 -1.32 7.06 -9.64
C PHE A 42 -2.08 7.69 -10.79
N ALA A 43 -3.41 7.56 -10.77
CA ALA A 43 -4.25 8.12 -11.81
C ALA A 43 -5.48 8.80 -11.21
N GLY A 44 -5.34 9.25 -9.97
CA GLY A 44 -6.45 9.93 -9.30
C GLY A 44 -6.41 9.76 -7.79
N ARG A 45 -5.64 8.78 -7.34
CA ARG A 45 -5.51 8.51 -5.91
C ARG A 45 -4.56 9.50 -5.25
N THR A 46 -4.98 10.05 -4.12
CA THR A 46 -4.15 11.01 -3.39
C THR A 46 -3.33 10.33 -2.31
N ALA A 47 -2.47 11.10 -1.65
CA ALA A 47 -1.62 10.56 -0.60
C ALA A 47 -2.44 9.81 0.45
N VAL A 48 -3.69 10.22 0.61
CA VAL A 48 -4.59 9.58 1.57
C VAL A 48 -4.72 8.09 1.29
N ASN A 49 -4.68 7.72 0.01
CA ASN A 49 -4.80 6.33 -0.38
C ASN A 49 -3.62 5.51 0.14
N LEU A 50 -2.49 6.18 0.34
CA LEU A 50 -1.28 5.51 0.84
C LEU A 50 -1.39 5.26 2.34
N LYS A 51 -1.74 6.30 3.09
CA LYS A 51 -1.88 6.20 4.54
C LYS A 51 -3.10 5.34 4.90
N ASP A 52 -4.13 5.39 4.06
CA ASP A 52 -5.34 4.62 4.30
C ASP A 52 -5.06 3.13 4.24
N ARG A 53 -4.59 2.66 3.08
CA ARG A 53 -4.28 1.25 2.90
C ARG A 53 -3.30 0.76 3.96
N TRP A 54 -2.37 1.63 4.33
CA TRP A 54 -1.37 1.29 5.34
C TRP A 54 -2.01 1.14 6.72
N ARG A 55 -2.88 2.09 7.06
CA ARG A 55 -3.56 2.06 8.35
C ARG A 55 -4.41 0.80 8.49
N THR A 56 -5.21 0.52 7.47
CA THR A 56 -6.07 -0.65 7.48
C THR A 56 -5.26 -1.93 7.62
N MET A 57 -4.26 -2.09 6.76
CA MET A 57 -3.41 -3.28 6.78
C MET A 57 -2.79 -3.47 8.16
N VAL A 58 -2.46 -2.37 8.82
CA VAL A 58 -1.86 -2.41 10.14
C VAL A 58 -2.81 -3.05 11.16
N LYS A 59 -4.08 -2.69 11.06
CA LYS A 59 -5.10 -3.23 11.98
C LYS A 59 -5.21 -4.75 11.82
N LEU A 60 -5.13 -5.22 10.58
CA LEU A 60 -5.22 -6.64 10.30
C LEU A 60 -3.83 -7.28 10.26
N LYS A 61 -2.85 -6.59 10.83
CA LYS A 61 -1.48 -7.09 10.86
C LYS A 61 -1.18 -7.94 9.62
N MET A 62 -1.53 -7.41 8.45
CA MET A 62 -1.30 -8.13 7.20
C MET A 62 -0.05 -7.60 6.50
N VAL A 63 0.31 -6.36 6.79
CA VAL A 63 1.49 -5.74 6.19
C VAL A 63 2.77 -6.32 6.78
N SER A 1 7.10 -16.26 -0.06
CA SER A 1 6.08 -15.21 0.04
C SER A 1 6.05 -14.65 1.47
N THR A 2 6.42 -13.38 1.60
CA THR A 2 6.43 -12.73 2.91
C THR A 2 5.07 -12.11 3.23
N ALA A 3 4.35 -11.71 2.18
CA ALA A 3 3.03 -11.11 2.35
C ALA A 3 1.93 -12.17 2.29
N PRO A 4 0.76 -11.84 2.83
CA PRO A 4 -0.40 -12.74 2.85
C PRO A 4 -0.98 -12.97 1.46
N ALA A 5 -1.62 -14.11 1.27
CA ALA A 5 -2.23 -14.45 -0.01
C ALA A 5 -3.66 -13.94 -0.09
N LYS A 6 -4.33 -14.24 -1.20
CA LYS A 6 -5.71 -13.82 -1.39
C LYS A 6 -6.61 -15.01 -1.69
N LYS A 7 -6.14 -15.90 -2.57
CA LYS A 7 -6.90 -17.08 -2.94
C LYS A 7 -8.30 -16.70 -3.45
N TYR A 8 -8.34 -15.80 -4.42
CA TYR A 8 -9.60 -15.34 -4.98
C TYR A 8 -9.40 -14.78 -6.38
N THR A 9 -10.47 -14.22 -6.95
CA THR A 9 -10.41 -13.64 -8.29
C THR A 9 -9.92 -12.20 -8.25
N ARG A 10 -9.03 -11.85 -9.17
CA ARG A 10 -8.49 -10.50 -9.24
C ARG A 10 -9.61 -9.47 -9.26
N LYS A 11 -9.29 -8.24 -8.84
CA LYS A 11 -10.28 -7.17 -8.81
C LYS A 11 -9.75 -5.94 -9.55
N MET A 12 -10.50 -4.84 -9.48
CA MET A 12 -10.11 -3.60 -10.13
C MET A 12 -8.69 -3.20 -9.73
N TRP A 13 -8.49 -2.98 -8.44
CA TRP A 13 -7.17 -2.59 -7.93
C TRP A 13 -6.19 -3.76 -8.03
N SER A 14 -4.94 -3.44 -8.35
CA SER A 14 -3.90 -4.47 -8.47
C SER A 14 -3.16 -4.65 -7.16
N VAL A 15 -3.07 -5.89 -6.70
CA VAL A 15 -2.38 -6.19 -5.44
C VAL A 15 -0.95 -5.68 -5.47
N GLN A 16 -0.39 -5.55 -6.67
CA GLN A 16 0.97 -5.06 -6.83
C GLN A 16 1.17 -3.74 -6.10
N GLU A 17 0.17 -2.86 -6.19
CA GLU A 17 0.24 -1.56 -5.53
C GLU A 17 0.42 -1.72 -4.03
N SER A 18 -0.16 -2.78 -3.48
CA SER A 18 -0.07 -3.04 -2.05
C SER A 18 1.34 -3.47 -1.66
N GLU A 19 1.94 -4.32 -2.49
CA GLU A 19 3.29 -4.80 -2.23
C GLU A 19 4.28 -3.64 -2.13
N TRP A 20 4.12 -2.66 -3.01
CA TRP A 20 5.00 -1.50 -3.03
C TRP A 20 4.70 -0.58 -1.85
N LEU A 21 3.44 -0.57 -1.42
CA LEU A 21 3.03 0.27 -0.30
C LEU A 21 3.61 -0.24 1.01
N LYS A 22 3.44 -1.54 1.26
CA LYS A 22 3.94 -2.16 2.48
C LYS A 22 5.46 -1.97 2.59
N GLN A 23 6.18 -2.43 1.58
CA GLN A 23 7.63 -2.32 1.57
C GLN A 23 8.06 -0.87 1.50
N GLY A 24 7.33 -0.07 0.73
CA GLY A 24 7.65 1.34 0.58
C GLY A 24 7.66 2.06 1.92
N VAL A 25 6.68 1.76 2.76
CA VAL A 25 6.57 2.39 4.07
C VAL A 25 7.61 1.83 5.03
N VAL A 26 7.99 0.57 4.82
CA VAL A 26 8.97 -0.09 5.67
C VAL A 26 10.38 0.38 5.34
N ARG A 27 10.62 0.71 4.07
CA ARG A 27 11.93 1.17 3.63
C ARG A 27 12.02 2.69 3.72
N TYR A 28 10.96 3.37 3.29
CA TYR A 28 10.94 4.82 3.31
C TYR A 28 10.50 5.33 4.69
N GLY A 29 9.51 4.67 5.28
CA GLY A 29 9.02 5.06 6.59
C GLY A 29 7.71 5.81 6.51
N VAL A 30 6.77 5.45 7.38
CA VAL A 30 5.47 6.10 7.41
C VAL A 30 5.60 7.62 7.34
N GLY A 31 4.56 8.27 6.83
CA GLY A 31 4.59 9.71 6.72
C GLY A 31 4.89 10.18 5.31
N HIS A 32 5.55 9.32 4.53
CA HIS A 32 5.90 9.65 3.15
C HIS A 32 4.85 9.15 2.18
N TRP A 33 3.59 9.52 2.46
CA TRP A 33 2.48 9.11 1.61
C TRP A 33 2.75 9.46 0.14
N GLU A 34 3.24 10.68 -0.09
CA GLU A 34 3.54 11.14 -1.43
C GLU A 34 4.74 10.38 -2.01
N ARG A 35 5.88 10.52 -1.36
CA ARG A 35 7.10 9.85 -1.81
C ARG A 35 6.83 8.38 -2.12
N ILE A 36 6.04 7.74 -1.27
CA ILE A 36 5.71 6.33 -1.45
C ILE A 36 4.65 6.16 -2.53
N ARG A 37 3.76 7.13 -2.65
CA ARG A 37 2.70 7.08 -3.65
C ARG A 37 3.28 6.88 -5.04
N SER A 38 4.51 7.34 -5.23
CA SER A 38 5.17 7.22 -6.52
C SER A 38 5.37 5.75 -6.90
N ALA A 39 5.22 4.87 -5.92
CA ALA A 39 5.37 3.44 -6.15
C ALA A 39 4.55 2.99 -7.35
N PHE A 40 3.27 3.33 -7.35
CA PHE A 40 2.38 2.95 -8.44
C PHE A 40 2.02 4.17 -9.30
N PRO A 41 1.64 3.91 -10.55
CA PRO A 41 1.27 4.96 -11.50
C PRO A 41 -0.04 5.64 -11.14
N PHE A 42 0.01 6.54 -10.15
CA PHE A 42 -1.18 7.25 -9.70
C PHE A 42 -1.89 7.92 -10.88
N ALA A 43 -3.23 7.90 -10.84
CA ALA A 43 -4.03 8.51 -11.90
C ALA A 43 -5.34 9.05 -11.35
N GLY A 44 -5.34 9.42 -10.07
CA GLY A 44 -6.53 9.95 -9.45
C GLY A 44 -6.53 9.77 -7.94
N ARG A 45 -5.72 8.84 -7.46
CA ARG A 45 -5.64 8.57 -6.03
C ARG A 45 -4.73 9.59 -5.34
N THR A 46 -5.19 10.07 -4.19
CA THR A 46 -4.42 11.06 -3.42
C THR A 46 -3.55 10.38 -2.38
N ALA A 47 -2.70 11.17 -1.72
CA ALA A 47 -1.82 10.66 -0.68
C ALA A 47 -2.59 9.88 0.37
N VAL A 48 -3.86 10.26 0.57
CA VAL A 48 -4.71 9.61 1.56
C VAL A 48 -4.84 8.12 1.27
N ASN A 49 -4.82 7.76 -0.02
CA ASN A 49 -4.93 6.37 -0.42
C ASN A 49 -3.78 5.54 0.16
N LEU A 50 -2.63 6.18 0.32
CA LEU A 50 -1.45 5.50 0.87
C LEU A 50 -1.56 5.34 2.38
N LYS A 51 -1.81 6.44 3.08
CA LYS A 51 -1.94 6.43 4.53
C LYS A 51 -3.15 5.60 4.95
N ASP A 52 -4.12 5.48 4.06
CA ASP A 52 -5.33 4.71 4.33
C ASP A 52 -5.03 3.21 4.34
N ARG A 53 -4.60 2.70 3.19
CA ARG A 53 -4.29 1.28 3.06
C ARG A 53 -3.31 0.84 4.15
N TRP A 54 -2.39 1.74 4.50
CA TRP A 54 -1.39 1.44 5.52
C TRP A 54 -2.05 1.26 6.89
N ARG A 55 -2.86 2.24 7.28
CA ARG A 55 -3.55 2.19 8.56
C ARG A 55 -4.42 0.95 8.67
N THR A 56 -5.23 0.71 7.63
CA THR A 56 -6.11 -0.45 7.60
C THR A 56 -5.33 -1.75 7.70
N MET A 57 -4.33 -1.89 6.83
CA MET A 57 -3.50 -3.09 6.83
C MET A 57 -2.88 -3.33 8.20
N VAL A 58 -2.56 -2.25 8.90
CA VAL A 58 -1.96 -2.35 10.23
C VAL A 58 -2.93 -2.98 11.23
N LYS A 59 -4.20 -2.60 11.12
CA LYS A 59 -5.23 -3.13 12.02
C LYS A 59 -5.37 -4.64 11.85
N LEU A 60 -5.30 -5.10 10.59
CA LEU A 60 -5.42 -6.52 10.28
C LEU A 60 -4.05 -7.18 10.24
N LYS A 61 -3.06 -6.52 10.81
CA LYS A 61 -1.70 -7.05 10.83
C LYS A 61 -1.42 -7.90 9.60
N MET A 62 -1.74 -7.35 8.43
CA MET A 62 -1.52 -8.06 7.17
C MET A 62 -0.26 -7.55 6.47
N VAL A 63 0.09 -6.30 6.73
CA VAL A 63 1.27 -5.70 6.13
C VAL A 63 2.55 -6.38 6.62
N SER A 1 7.31 -13.85 0.57
CA SER A 1 6.38 -13.82 1.69
C SER A 1 4.94 -13.84 1.20
N THR A 2 4.02 -14.14 2.10
CA THR A 2 2.60 -14.19 1.76
C THR A 2 1.90 -12.89 2.10
N ALA A 3 1.87 -11.97 1.15
CA ALA A 3 1.24 -10.67 1.34
C ALA A 3 -0.29 -10.79 1.24
N PRO A 4 -1.00 -9.80 1.80
CA PRO A 4 -2.46 -9.77 1.79
C PRO A 4 -3.02 -9.51 0.38
N ALA A 5 -4.10 -10.20 0.05
CA ALA A 5 -4.73 -10.05 -1.26
C ALA A 5 -6.16 -9.53 -1.12
N LYS A 6 -6.30 -8.24 -0.85
CA LYS A 6 -7.61 -7.63 -0.69
C LYS A 6 -7.84 -6.56 -1.75
N LYS A 7 -9.05 -6.02 -1.79
CA LYS A 7 -9.40 -4.99 -2.76
C LYS A 7 -10.75 -4.36 -2.41
N TYR A 8 -10.72 -3.08 -2.04
CA TYR A 8 -11.93 -2.35 -1.68
C TYR A 8 -12.69 -1.92 -2.92
N THR A 9 -11.95 -1.73 -4.02
CA THR A 9 -12.56 -1.31 -5.28
C THR A 9 -12.74 -2.50 -6.23
N ARG A 10 -13.92 -2.59 -6.83
CA ARG A 10 -14.22 -3.68 -7.76
C ARG A 10 -13.92 -3.26 -9.20
N LYS A 11 -12.71 -2.77 -9.42
CA LYS A 11 -12.30 -2.33 -10.76
C LYS A 11 -10.85 -1.87 -10.75
N MET A 12 -10.10 -2.32 -11.74
CA MET A 12 -8.68 -1.94 -11.86
C MET A 12 -7.95 -2.22 -10.56
N TRP A 13 -8.29 -3.33 -9.91
CA TRP A 13 -7.65 -3.70 -8.65
C TRP A 13 -6.37 -4.49 -8.90
N SER A 14 -5.27 -4.01 -8.33
CA SER A 14 -3.98 -4.66 -8.49
C SER A 14 -3.27 -4.83 -7.16
N VAL A 15 -2.88 -6.06 -6.85
CA VAL A 15 -2.19 -6.36 -5.59
C VAL A 15 -0.80 -5.73 -5.57
N GLN A 16 -0.23 -5.53 -6.75
CA GLN A 16 1.10 -4.95 -6.87
C GLN A 16 1.18 -3.60 -6.16
N GLU A 17 0.17 -2.76 -6.41
CA GLU A 17 0.13 -1.44 -5.80
C GLU A 17 0.28 -1.54 -4.28
N SER A 18 -0.42 -2.48 -3.67
CA SER A 18 -0.36 -2.68 -2.23
C SER A 18 1.01 -3.17 -1.80
N GLU A 19 1.62 -4.02 -2.64
CA GLU A 19 2.94 -4.57 -2.35
C GLU A 19 3.97 -3.45 -2.22
N TRP A 20 3.88 -2.47 -3.11
CA TRP A 20 4.81 -1.35 -3.10
C TRP A 20 4.53 -0.42 -1.93
N LEU A 21 3.27 -0.35 -1.52
CA LEU A 21 2.87 0.51 -0.41
C LEU A 21 3.40 -0.04 0.92
N LYS A 22 3.17 -1.33 1.15
CA LYS A 22 3.63 -1.97 2.38
C LYS A 22 5.15 -1.88 2.50
N GLN A 23 5.86 -2.41 1.51
CA GLN A 23 7.31 -2.39 1.51
C GLN A 23 7.83 -0.95 1.44
N GLY A 24 7.10 -0.10 0.74
CA GLY A 24 7.51 1.28 0.61
C GLY A 24 7.50 2.03 1.94
N VAL A 25 6.49 1.76 2.75
CA VAL A 25 6.36 2.40 4.06
C VAL A 25 7.34 1.79 5.05
N VAL A 26 7.69 0.53 4.85
CA VAL A 26 8.61 -0.17 5.73
C VAL A 26 10.05 0.29 5.49
N ARG A 27 10.35 0.64 4.24
CA ARG A 27 11.69 1.10 3.89
C ARG A 27 11.77 2.61 3.94
N TYR A 28 10.76 3.28 3.40
CA TYR A 28 10.73 4.74 3.38
C TYR A 28 10.16 5.29 4.69
N GLY A 29 9.63 4.38 5.52
CA GLY A 29 9.07 4.80 6.79
C GLY A 29 7.79 5.61 6.62
N VAL A 30 6.75 5.23 7.36
CA VAL A 30 5.47 5.93 7.29
C VAL A 30 5.66 7.44 7.32
N GLY A 31 4.66 8.18 6.84
CA GLY A 31 4.75 9.62 6.83
C GLY A 31 5.09 10.17 5.46
N HIS A 32 5.62 9.30 4.59
CA HIS A 32 6.00 9.71 3.25
C HIS A 32 4.96 9.26 2.22
N TRP A 33 3.70 9.55 2.50
CA TRP A 33 2.61 9.16 1.61
C TRP A 33 2.92 9.58 0.17
N GLU A 34 3.46 10.78 0.01
CA GLU A 34 3.80 11.29 -1.31
C GLU A 34 4.95 10.49 -1.94
N ARG A 35 6.11 10.55 -1.30
CA ARG A 35 7.29 9.83 -1.77
C ARG A 35 6.94 8.39 -2.10
N ILE A 36 6.10 7.78 -1.27
CA ILE A 36 5.70 6.39 -1.46
C ILE A 36 4.67 6.27 -2.58
N ARG A 37 3.83 7.29 -2.71
CA ARG A 37 2.80 7.31 -3.74
C ARG A 37 3.40 7.10 -5.12
N SER A 38 4.64 7.58 -5.30
CA SER A 38 5.33 7.44 -6.57
C SER A 38 5.57 5.98 -6.92
N ALA A 39 5.41 5.12 -5.93
CA ALA A 39 5.60 3.68 -6.12
C ALA A 39 4.84 3.19 -7.35
N PHE A 40 3.54 3.49 -7.41
CA PHE A 40 2.70 3.07 -8.52
C PHE A 40 2.22 4.29 -9.31
N PRO A 41 1.85 4.05 -10.58
CA PRO A 41 1.37 5.12 -11.48
C PRO A 41 0.00 5.63 -11.07
N PHE A 42 -0.03 6.46 -10.03
CA PHE A 42 -1.28 7.03 -9.53
C PHE A 42 -2.05 7.71 -10.67
N ALA A 43 -3.35 7.44 -10.74
CA ALA A 43 -4.19 8.03 -11.77
C ALA A 43 -5.34 8.83 -11.16
N GLY A 44 -5.81 8.37 -10.00
CA GLY A 44 -6.91 9.04 -9.33
C GLY A 44 -6.86 8.86 -7.82
N ARG A 45 -5.71 8.44 -7.31
CA ARG A 45 -5.55 8.22 -5.88
C ARG A 45 -4.58 9.24 -5.28
N THR A 46 -5.00 9.88 -4.19
CA THR A 46 -4.16 10.87 -3.53
C THR A 46 -3.35 10.25 -2.39
N ALA A 47 -2.51 11.05 -1.77
CA ALA A 47 -1.67 10.58 -0.67
C ALA A 47 -2.50 9.87 0.38
N VAL A 48 -3.77 10.27 0.51
CA VAL A 48 -4.67 9.67 1.47
C VAL A 48 -4.81 8.17 1.25
N ASN A 49 -4.74 7.75 -0.02
CA ASN A 49 -4.85 6.34 -0.37
C ASN A 49 -3.66 5.56 0.16
N LEU A 50 -2.53 6.23 0.31
CA LEU A 50 -1.31 5.60 0.81
C LEU A 50 -1.40 5.36 2.32
N LYS A 51 -1.74 6.41 3.05
CA LYS A 51 -1.86 6.32 4.50
C LYS A 51 -3.06 5.47 4.90
N ASP A 52 -4.15 5.61 4.14
CA ASP A 52 -5.37 4.86 4.41
C ASP A 52 -5.10 3.36 4.36
N ARG A 53 -4.66 2.88 3.20
CA ARG A 53 -4.36 1.47 3.01
C ARG A 53 -3.35 0.98 4.06
N TRP A 54 -2.43 1.86 4.44
CA TRP A 54 -1.42 1.52 5.42
C TRP A 54 -2.03 1.34 6.80
N ARG A 55 -2.92 2.26 7.16
CA ARG A 55 -3.59 2.20 8.47
C ARG A 55 -4.41 0.93 8.60
N THR A 56 -5.22 0.65 7.58
CA THR A 56 -6.06 -0.54 7.59
C THR A 56 -5.23 -1.81 7.71
N MET A 57 -4.22 -1.94 6.86
CA MET A 57 -3.35 -3.11 6.87
C MET A 57 -2.72 -3.30 8.26
N VAL A 58 -2.43 -2.18 8.92
CA VAL A 58 -1.82 -2.22 10.25
C VAL A 58 -2.77 -2.86 11.26
N LYS A 59 -4.05 -2.55 11.14
CA LYS A 59 -5.05 -3.09 12.05
C LYS A 59 -5.16 -4.61 11.91
N LEU A 60 -5.05 -5.09 10.67
CA LEU A 60 -5.13 -6.52 10.41
C LEU A 60 -3.73 -7.14 10.37
N LYS A 61 -2.77 -6.43 10.94
CA LYS A 61 -1.39 -6.91 10.98
C LYS A 61 -1.08 -7.77 9.77
N MET A 62 -1.42 -7.26 8.58
CA MET A 62 -1.18 -7.98 7.34
C MET A 62 0.08 -7.47 6.66
N VAL A 63 0.40 -6.19 6.88
CA VAL A 63 1.58 -5.58 6.28
C VAL A 63 2.86 -6.16 6.87
N SER A 1 8.77 -13.63 3.00
CA SER A 1 8.09 -12.45 3.51
C SER A 1 6.79 -12.83 4.21
N THR A 2 6.21 -13.95 3.80
CA THR A 2 4.96 -14.43 4.39
C THR A 2 3.92 -13.32 4.44
N ALA A 3 3.90 -12.48 3.41
CA ALA A 3 2.95 -11.38 3.34
C ALA A 3 1.69 -11.79 2.56
N PRO A 4 0.60 -11.05 2.77
CA PRO A 4 -0.67 -11.31 2.09
C PRO A 4 -0.62 -10.99 0.61
N ALA A 5 -1.78 -11.01 -0.05
CA ALA A 5 -1.87 -10.73 -1.47
C ALA A 5 -1.09 -11.77 -2.29
N LYS A 6 -0.97 -12.96 -1.74
CA LYS A 6 -0.25 -14.05 -2.42
C LYS A 6 -1.21 -15.14 -2.85
N LYS A 7 -2.33 -15.26 -2.15
CA LYS A 7 -3.33 -16.27 -2.46
C LYS A 7 -4.12 -15.88 -3.72
N TYR A 8 -5.00 -14.91 -3.57
CA TYR A 8 -5.82 -14.45 -4.69
C TYR A 8 -5.46 -13.02 -5.08
N THR A 9 -5.98 -12.56 -6.21
CA THR A 9 -5.72 -11.21 -6.69
C THR A 9 -7.01 -10.43 -6.87
N ARG A 10 -6.99 -9.16 -6.48
CA ARG A 10 -8.16 -8.31 -6.59
C ARG A 10 -8.60 -8.19 -8.04
N LYS A 11 -9.68 -7.45 -8.27
CA LYS A 11 -10.21 -7.26 -9.62
C LYS A 11 -9.90 -5.86 -10.14
N MET A 12 -10.46 -4.85 -9.47
CA MET A 12 -10.24 -3.46 -9.86
C MET A 12 -8.93 -2.93 -9.28
N TRP A 13 -8.63 -3.33 -8.05
CA TRP A 13 -7.41 -2.91 -7.38
C TRP A 13 -6.23 -3.80 -7.76
N SER A 14 -5.08 -3.19 -7.97
CA SER A 14 -3.88 -3.93 -8.35
C SER A 14 -3.13 -4.42 -7.11
N VAL A 15 -2.86 -5.71 -7.05
CA VAL A 15 -2.15 -6.30 -5.92
C VAL A 15 -0.71 -5.80 -5.85
N GLN A 16 -0.16 -5.47 -7.01
CA GLN A 16 1.21 -4.98 -7.09
C GLN A 16 1.36 -3.66 -6.32
N GLU A 17 0.43 -2.74 -6.56
CA GLU A 17 0.46 -1.45 -5.88
C GLU A 17 0.59 -1.61 -4.37
N SER A 18 -0.12 -2.59 -3.83
CA SER A 18 -0.10 -2.86 -2.39
C SER A 18 1.30 -3.29 -1.95
N GLU A 19 1.88 -4.24 -2.68
CA GLU A 19 3.20 -4.75 -2.36
C GLU A 19 4.20 -3.61 -2.21
N TRP A 20 4.15 -2.65 -3.15
CA TRP A 20 5.04 -1.51 -3.12
C TRP A 20 4.74 -0.61 -1.92
N LEU A 21 3.47 -0.59 -1.51
CA LEU A 21 3.06 0.23 -0.38
C LEU A 21 3.62 -0.31 0.93
N LYS A 22 3.45 -1.61 1.15
CA LYS A 22 3.95 -2.24 2.36
C LYS A 22 5.45 -2.05 2.50
N GLN A 23 6.21 -2.54 1.53
CA GLN A 23 7.66 -2.42 1.54
C GLN A 23 8.08 -0.96 1.49
N GLY A 24 7.35 -0.16 0.71
CA GLY A 24 7.67 1.24 0.58
C GLY A 24 7.66 1.97 1.92
N VAL A 25 6.65 1.67 2.74
CA VAL A 25 6.52 2.30 4.05
C VAL A 25 7.53 1.71 5.03
N VAL A 26 7.91 0.45 4.81
CA VAL A 26 8.86 -0.23 5.67
C VAL A 26 10.27 0.24 5.40
N ARG A 27 10.55 0.58 4.13
CA ARG A 27 11.88 1.05 3.74
C ARG A 27 11.98 2.56 3.85
N TYR A 28 10.93 3.25 3.40
CA TYR A 28 10.89 4.71 3.45
C TYR A 28 10.44 5.20 4.81
N GLY A 29 9.44 4.53 5.38
CA GLY A 29 8.93 4.91 6.68
C GLY A 29 7.63 5.68 6.58
N VAL A 30 6.66 5.31 7.41
CA VAL A 30 5.35 5.98 7.42
C VAL A 30 5.52 7.48 7.40
N GLY A 31 4.49 8.18 6.91
CA GLY A 31 4.53 9.63 6.83
C GLY A 31 4.87 10.14 5.44
N HIS A 32 5.51 9.29 4.65
CA HIS A 32 5.89 9.66 3.29
C HIS A 32 4.87 9.14 2.28
N TRP A 33 3.60 9.37 2.56
CA TRP A 33 2.53 8.92 1.68
C TRP A 33 2.79 9.35 0.24
N GLU A 34 3.29 10.56 0.07
CA GLU A 34 3.59 11.09 -1.25
C GLU A 34 4.78 10.35 -1.88
N ARG A 35 5.93 10.46 -1.25
CA ARG A 35 7.14 9.82 -1.74
C ARG A 35 6.87 8.35 -2.07
N ILE A 36 6.08 7.70 -1.23
CA ILE A 36 5.74 6.29 -1.44
C ILE A 36 4.69 6.13 -2.53
N ARG A 37 3.78 7.11 -2.61
CA ARG A 37 2.72 7.08 -3.61
C ARG A 37 3.30 6.90 -5.01
N SER A 38 4.50 7.40 -5.23
CA SER A 38 5.17 7.30 -6.52
C SER A 38 5.35 5.83 -6.92
N ALA A 39 5.24 4.94 -5.94
CA ALA A 39 5.40 3.51 -6.19
C ALA A 39 4.53 3.06 -7.36
N PHE A 40 3.23 3.36 -7.29
CA PHE A 40 2.30 2.99 -8.33
C PHE A 40 1.94 4.19 -9.20
N PRO A 41 1.57 3.92 -10.46
CA PRO A 41 1.19 4.97 -11.41
C PRO A 41 -0.12 5.64 -11.06
N PHE A 42 -0.09 6.54 -10.08
CA PHE A 42 -1.29 7.24 -9.64
C PHE A 42 -1.98 7.92 -10.82
N ALA A 43 -3.31 7.80 -10.86
CA ALA A 43 -4.10 8.40 -11.93
C ALA A 43 -5.38 9.03 -11.39
N GLY A 44 -5.34 9.44 -10.12
CA GLY A 44 -6.51 10.05 -9.51
C GLY A 44 -6.53 9.89 -8.00
N ARG A 45 -5.77 8.91 -7.51
CA ARG A 45 -5.70 8.64 -6.08
C ARG A 45 -4.76 9.63 -5.39
N THR A 46 -5.18 10.14 -4.24
CA THR A 46 -4.38 11.09 -3.49
C THR A 46 -3.54 10.39 -2.42
N ALA A 47 -2.70 11.15 -1.74
CA ALA A 47 -1.84 10.60 -0.69
C ALA A 47 -2.66 9.81 0.33
N VAL A 48 -3.92 10.19 0.50
CA VAL A 48 -4.81 9.53 1.44
C VAL A 48 -4.91 8.04 1.14
N ASN A 49 -4.83 7.70 -0.15
CA ASN A 49 -4.92 6.30 -0.57
C ASN A 49 -3.79 5.48 0.05
N LEU A 50 -2.65 6.13 0.26
CA LEU A 50 -1.49 5.45 0.84
C LEU A 50 -1.65 5.28 2.35
N LYS A 51 -1.92 6.39 3.03
CA LYS A 51 -2.10 6.36 4.48
C LYS A 51 -3.32 5.51 4.85
N ASP A 52 -4.26 5.40 3.93
CA ASP A 52 -5.48 4.62 4.16
C ASP A 52 -5.16 3.13 4.18
N ARG A 53 -4.67 2.60 3.07
CA ARG A 53 -4.33 1.20 2.96
C ARG A 53 -3.40 0.77 4.08
N TRP A 54 -2.50 1.67 4.47
CA TRP A 54 -1.55 1.40 5.54
C TRP A 54 -2.25 1.31 6.89
N ARG A 55 -3.05 2.34 7.21
CA ARG A 55 -3.77 2.38 8.47
C ARG A 55 -4.57 1.10 8.68
N THR A 56 -5.40 0.76 7.70
CA THR A 56 -6.22 -0.45 7.78
C THR A 56 -5.36 -1.69 7.97
N MET A 57 -4.37 -1.86 7.10
CA MET A 57 -3.47 -3.00 7.16
C MET A 57 -2.82 -3.10 8.54
N VAL A 58 -2.44 -1.95 9.10
CA VAL A 58 -1.81 -1.91 10.41
C VAL A 58 -2.70 -2.55 11.47
N LYS A 59 -4.00 -2.28 11.40
CA LYS A 59 -4.95 -2.84 12.35
C LYS A 59 -4.99 -4.36 12.26
N LEU A 60 -4.91 -4.87 11.03
CA LEU A 60 -4.94 -6.31 10.80
C LEU A 60 -3.53 -6.88 10.75
N LYS A 61 -2.57 -6.13 11.28
CA LYS A 61 -1.18 -6.55 11.30
C LYS A 61 -0.86 -7.42 10.09
N MET A 62 -1.25 -6.93 8.91
CA MET A 62 -0.99 -7.66 7.67
C MET A 62 0.33 -7.23 7.05
N VAL A 63 0.75 -6.00 7.35
CA VAL A 63 1.99 -5.46 6.81
C VAL A 63 3.13 -5.61 7.82
N SER A 1 6.04 -13.00 8.85
CA SER A 1 5.74 -14.06 7.91
C SER A 1 5.52 -13.51 6.51
N THR A 2 5.23 -14.39 5.56
CA THR A 2 5.01 -13.98 4.18
C THR A 2 3.93 -12.91 4.09
N ALA A 3 3.93 -12.16 2.99
CA ALA A 3 2.96 -11.11 2.79
C ALA A 3 1.74 -11.63 2.03
N PRO A 4 0.62 -10.89 2.14
CA PRO A 4 -0.63 -11.26 1.47
C PRO A 4 -0.55 -11.10 -0.05
N ALA A 5 -0.52 -12.21 -0.76
CA ALA A 5 -0.44 -12.20 -2.22
C ALA A 5 -1.74 -12.71 -2.83
N LYS A 6 -2.12 -13.93 -2.47
CA LYS A 6 -3.34 -14.54 -2.99
C LYS A 6 -4.36 -14.75 -1.88
N LYS A 7 -4.79 -13.65 -1.27
CA LYS A 7 -5.77 -13.72 -0.19
C LYS A 7 -7.02 -12.91 -0.53
N TYR A 8 -6.82 -11.64 -0.85
CA TYR A 8 -7.93 -10.76 -1.19
C TYR A 8 -8.63 -11.25 -2.45
N THR A 9 -9.87 -10.80 -2.65
CA THR A 9 -10.65 -11.18 -3.83
C THR A 9 -10.35 -10.27 -5.01
N ARG A 10 -10.22 -10.88 -6.19
CA ARG A 10 -9.94 -10.12 -7.40
C ARG A 10 -10.94 -8.98 -7.58
N LYS A 11 -10.50 -7.76 -7.28
CA LYS A 11 -11.37 -6.59 -7.40
C LYS A 11 -10.65 -5.48 -8.16
N MET A 12 -11.31 -4.33 -8.26
CA MET A 12 -10.73 -3.18 -8.96
C MET A 12 -9.35 -2.85 -8.42
N TRP A 13 -9.15 -3.09 -7.13
CA TRP A 13 -7.86 -2.82 -6.48
C TRP A 13 -6.85 -3.92 -6.81
N SER A 14 -5.62 -3.52 -7.07
CA SER A 14 -4.56 -4.47 -7.40
C SER A 14 -3.65 -4.71 -6.20
N VAL A 15 -3.26 -5.96 -6.00
CA VAL A 15 -2.39 -6.32 -4.89
C VAL A 15 -0.99 -5.74 -5.07
N GLN A 16 -0.62 -5.51 -6.32
CA GLN A 16 0.69 -4.95 -6.63
C GLN A 16 0.94 -3.67 -5.84
N GLU A 17 -0.11 -2.89 -5.64
CA GLU A 17 -0.01 -1.64 -4.91
C GLU A 17 0.41 -1.89 -3.47
N SER A 18 -0.27 -2.82 -2.82
CA SER A 18 0.03 -3.16 -1.42
C SER A 18 1.48 -3.59 -1.27
N GLU A 19 2.02 -4.23 -2.30
CA GLU A 19 3.39 -4.70 -2.28
C GLU A 19 4.36 -3.52 -2.20
N TRP A 20 4.18 -2.55 -3.10
CA TRP A 20 5.05 -1.38 -3.13
C TRP A 20 4.81 -0.49 -1.91
N LEU A 21 3.56 -0.47 -1.44
CA LEU A 21 3.20 0.34 -0.28
C LEU A 21 3.81 -0.24 1.00
N LYS A 22 3.61 -1.55 1.20
CA LYS A 22 4.14 -2.23 2.37
C LYS A 22 5.64 -2.00 2.51
N GLN A 23 6.40 -2.45 1.52
CA GLN A 23 7.84 -2.29 1.52
C GLN A 23 8.23 -0.83 1.46
N GLY A 24 7.49 -0.06 0.67
CA GLY A 24 7.77 1.36 0.53
C GLY A 24 7.74 2.08 1.86
N VAL A 25 6.76 1.77 2.69
CA VAL A 25 6.62 2.40 3.99
C VAL A 25 7.65 1.85 4.98
N VAL A 26 8.06 0.61 4.77
CA VAL A 26 9.05 -0.02 5.63
C VAL A 26 10.45 0.51 5.35
N ARG A 27 10.70 0.85 4.08
CA ARG A 27 12.01 1.36 3.68
C ARG A 27 12.03 2.90 3.75
N TYR A 28 10.97 3.52 3.25
CA TYR A 28 10.88 4.97 3.25
C TYR A 28 10.30 5.48 4.57
N GLY A 29 9.85 4.55 5.40
CA GLY A 29 9.29 4.92 6.69
C GLY A 29 7.97 5.65 6.55
N VAL A 30 6.96 5.21 7.29
CA VAL A 30 5.64 5.84 7.25
C VAL A 30 5.75 7.36 7.29
N GLY A 31 4.70 8.03 6.84
CA GLY A 31 4.69 9.48 6.84
C GLY A 31 4.99 10.07 5.47
N HIS A 32 5.66 9.28 4.63
CA HIS A 32 6.00 9.72 3.28
C HIS A 32 5.00 9.20 2.26
N TRP A 33 3.72 9.36 2.56
CA TRP A 33 2.66 8.90 1.66
C TRP A 33 2.91 9.38 0.24
N GLU A 34 3.47 10.57 0.11
CA GLU A 34 3.75 11.14 -1.21
C GLU A 34 4.88 10.38 -1.89
N ARG A 35 6.07 10.43 -1.30
CA ARG A 35 7.23 9.75 -1.87
C ARG A 35 6.90 8.30 -2.20
N ILE A 36 6.10 7.67 -1.36
CA ILE A 36 5.71 6.28 -1.57
C ILE A 36 4.61 6.17 -2.64
N ARG A 37 3.75 7.18 -2.69
CA ARG A 37 2.67 7.21 -3.67
C ARG A 37 3.21 7.04 -5.08
N SER A 38 4.42 7.53 -5.31
CA SER A 38 5.05 7.43 -6.63
C SER A 38 5.30 5.97 -7.01
N ALA A 39 5.20 5.10 -6.03
CA ALA A 39 5.41 3.67 -6.26
C ALA A 39 4.58 3.17 -7.44
N PHE A 40 3.28 3.46 -7.41
CA PHE A 40 2.38 3.05 -8.47
C PHE A 40 1.97 4.24 -9.33
N PRO A 41 1.58 3.96 -10.58
CA PRO A 41 1.16 4.99 -11.53
C PRO A 41 -0.17 5.63 -11.16
N PHE A 42 -0.14 6.52 -10.17
CA PHE A 42 -1.35 7.19 -9.72
C PHE A 42 -2.05 7.89 -10.87
N ALA A 43 -3.37 7.75 -10.92
CA ALA A 43 -4.17 8.36 -11.99
C ALA A 43 -5.20 9.32 -11.41
N GLY A 44 -5.69 9.00 -10.21
CA GLY A 44 -6.68 9.85 -9.57
C GLY A 44 -6.75 9.63 -8.07
N ARG A 45 -5.67 9.10 -7.50
CA ARG A 45 -5.61 8.83 -6.07
C ARG A 45 -4.65 9.78 -5.38
N THR A 46 -5.08 10.31 -4.23
CA THR A 46 -4.24 11.23 -3.46
C THR A 46 -3.43 10.50 -2.40
N ALA A 47 -2.58 11.25 -1.71
CA ALA A 47 -1.74 10.66 -0.66
C ALA A 47 -2.59 9.88 0.34
N VAL A 48 -3.84 10.29 0.50
CA VAL A 48 -4.76 9.63 1.42
C VAL A 48 -4.88 8.15 1.11
N ASN A 49 -4.80 7.81 -0.17
CA ASN A 49 -4.90 6.42 -0.61
C ASN A 49 -3.77 5.58 -0.01
N LEU A 50 -2.62 6.20 0.20
CA LEU A 50 -1.47 5.51 0.77
C LEU A 50 -1.63 5.34 2.29
N LYS A 51 -1.86 6.46 2.97
CA LYS A 51 -2.03 6.44 4.42
C LYS A 51 -3.24 5.60 4.81
N ASP A 52 -4.23 5.54 3.92
CA ASP A 52 -5.44 4.77 4.18
C ASP A 52 -5.14 3.27 4.17
N ARG A 53 -4.62 2.78 3.04
CA ARG A 53 -4.29 1.37 2.90
C ARG A 53 -3.34 0.92 4.01
N TRP A 54 -2.53 1.85 4.50
CA TRP A 54 -1.57 1.56 5.55
C TRP A 54 -2.28 1.34 6.88
N ARG A 55 -3.25 2.18 7.18
CA ARG A 55 -4.00 2.08 8.42
C ARG A 55 -4.78 0.77 8.48
N THR A 56 -5.47 0.44 7.39
CA THR A 56 -6.26 -0.78 7.33
C THR A 56 -5.38 -2.01 7.52
N MET A 57 -4.29 -2.09 6.75
CA MET A 57 -3.37 -3.21 6.84
C MET A 57 -2.86 -3.37 8.27
N VAL A 58 -2.68 -2.25 8.97
CA VAL A 58 -2.20 -2.27 10.33
C VAL A 58 -3.19 -2.97 11.26
N LYS A 59 -4.48 -2.71 11.04
CA LYS A 59 -5.53 -3.31 11.85
C LYS A 59 -5.53 -4.83 11.69
N LEU A 60 -5.30 -5.30 10.47
CA LEU A 60 -5.28 -6.72 10.19
C LEU A 60 -3.87 -7.28 10.29
N LYS A 61 -2.99 -6.53 10.94
CA LYS A 61 -1.60 -6.95 11.11
C LYS A 61 -1.14 -7.78 9.91
N MET A 62 -1.40 -7.27 8.70
CA MET A 62 -1.00 -7.96 7.49
C MET A 62 0.32 -7.42 6.96
N VAL A 63 0.63 -6.17 7.33
CA VAL A 63 1.87 -5.55 6.89
C VAL A 63 3.00 -5.78 7.89
N SER A 1 10.17 -12.63 0.83
CA SER A 1 9.40 -11.78 1.73
C SER A 1 7.99 -11.56 1.19
N THR A 2 7.12 -12.55 1.39
CA THR A 2 5.74 -12.47 0.92
C THR A 2 4.82 -11.93 2.00
N ALA A 3 3.57 -11.65 1.63
CA ALA A 3 2.59 -11.13 2.58
C ALA A 3 1.88 -12.27 3.32
N PRO A 4 1.28 -11.94 4.47
CA PRO A 4 0.57 -12.91 5.30
C PRO A 4 -0.73 -13.38 4.65
N ALA A 5 -1.20 -12.63 3.67
CA ALA A 5 -2.42 -12.96 2.96
C ALA A 5 -2.17 -13.99 1.87
N LYS A 6 -2.81 -15.15 1.98
CA LYS A 6 -2.64 -16.23 1.01
C LYS A 6 -3.95 -16.47 0.26
N LYS A 7 -5.00 -16.82 0.99
CA LYS A 7 -6.30 -17.08 0.38
C LYS A 7 -7.26 -15.94 0.65
N TYR A 8 -6.83 -14.72 0.32
CA TYR A 8 -7.65 -13.54 0.53
C TYR A 8 -8.43 -13.19 -0.75
N THR A 9 -9.33 -12.21 -0.64
CA THR A 9 -10.13 -11.78 -1.78
C THR A 9 -9.34 -10.85 -2.69
N ARG A 10 -9.50 -11.04 -4.00
CA ARG A 10 -8.80 -10.23 -4.98
C ARG A 10 -9.77 -9.31 -5.71
N LYS A 11 -10.10 -8.17 -5.08
CA LYS A 11 -11.01 -7.21 -5.67
C LYS A 11 -10.41 -6.57 -6.92
N MET A 12 -11.09 -5.58 -7.46
CA MET A 12 -10.62 -4.88 -8.65
C MET A 12 -9.19 -4.38 -8.46
N TRP A 13 -8.85 -4.05 -7.22
CA TRP A 13 -7.51 -3.55 -6.91
C TRP A 13 -6.48 -4.67 -7.03
N SER A 14 -5.31 -4.33 -7.56
CA SER A 14 -4.23 -5.30 -7.72
C SER A 14 -3.33 -5.34 -6.50
N VAL A 15 -2.82 -6.53 -6.20
CA VAL A 15 -1.93 -6.70 -5.04
C VAL A 15 -0.59 -6.03 -5.28
N GLN A 16 -0.22 -5.89 -6.55
CA GLN A 16 1.05 -5.27 -6.91
C GLN A 16 1.18 -3.89 -6.25
N GLU A 17 0.19 -3.04 -6.44
CA GLU A 17 0.21 -1.70 -5.87
C GLU A 17 0.41 -1.76 -4.36
N SER A 18 -0.36 -2.63 -3.70
CA SER A 18 -0.27 -2.78 -2.25
C SER A 18 1.13 -3.21 -1.84
N GLU A 19 1.68 -4.19 -2.57
CA GLU A 19 3.01 -4.69 -2.28
C GLU A 19 4.02 -3.55 -2.15
N TRP A 20 3.97 -2.64 -3.11
CA TRP A 20 4.89 -1.50 -3.12
C TRP A 20 4.60 -0.57 -1.94
N LEU A 21 3.34 -0.52 -1.52
CA LEU A 21 2.93 0.33 -0.40
C LEU A 21 3.52 -0.18 0.91
N LYS A 22 3.37 -1.48 1.16
CA LYS A 22 3.89 -2.09 2.38
C LYS A 22 5.40 -1.87 2.50
N GLN A 23 6.15 -2.41 1.54
CA GLN A 23 7.59 -2.27 1.54
C GLN A 23 8.00 -0.80 1.46
N GLY A 24 7.26 -0.03 0.67
CA GLY A 24 7.56 1.39 0.54
C GLY A 24 7.55 2.12 1.86
N VAL A 25 6.56 1.82 2.70
CA VAL A 25 6.43 2.46 4.00
C VAL A 25 7.46 1.90 4.98
N VAL A 26 7.86 0.65 4.77
CA VAL A 26 8.84 0.00 5.63
C VAL A 26 10.25 0.50 5.34
N ARG A 27 10.50 0.86 4.09
CA ARG A 27 11.80 1.37 3.68
C ARG A 27 11.85 2.89 3.74
N TYR A 28 10.80 3.52 3.22
CA TYR A 28 10.70 4.97 3.21
C TYR A 28 10.14 5.50 4.52
N GLY A 29 9.69 4.57 5.37
CA GLY A 29 9.11 4.97 6.65
C GLY A 29 7.81 5.72 6.50
N VAL A 30 6.81 5.31 7.27
CA VAL A 30 5.49 5.95 7.23
C VAL A 30 5.62 7.46 7.21
N GLY A 31 4.59 8.14 6.73
CA GLY A 31 4.60 9.59 6.67
C GLY A 31 4.89 10.10 5.28
N HIS A 32 5.56 9.27 4.46
CA HIS A 32 5.91 9.66 3.10
C HIS A 32 4.86 9.15 2.11
N TRP A 33 3.59 9.44 2.39
CA TRP A 33 2.50 9.01 1.53
C TRP A 33 2.77 9.40 0.08
N GLU A 34 3.23 10.64 -0.12
CA GLU A 34 3.52 11.13 -1.45
C GLU A 34 4.70 10.37 -2.08
N ARG A 35 5.86 10.48 -1.44
CA ARG A 35 7.05 9.81 -1.93
C ARG A 35 6.77 8.33 -2.24
N ILE A 36 5.96 7.71 -1.39
CA ILE A 36 5.61 6.30 -1.58
C ILE A 36 4.58 6.14 -2.68
N ARG A 37 3.71 7.13 -2.82
CA ARG A 37 2.66 7.10 -3.84
C ARG A 37 3.27 6.88 -5.22
N SER A 38 4.48 7.39 -5.42
CA SER A 38 5.17 7.26 -6.70
C SER A 38 5.45 5.80 -7.02
N ALA A 39 5.33 4.95 -6.01
CA ALA A 39 5.57 3.52 -6.17
C ALA A 39 4.84 2.98 -7.40
N PHE A 40 3.54 3.23 -7.47
CA PHE A 40 2.72 2.77 -8.59
C PHE A 40 2.13 3.94 -9.34
N PRO A 41 1.77 3.72 -10.62
CA PRO A 41 1.18 4.74 -11.48
C PRO A 41 -0.23 5.11 -11.06
N PHE A 42 -0.38 6.27 -10.43
CA PHE A 42 -1.69 6.75 -9.97
C PHE A 42 -1.73 8.27 -9.93
N ALA A 43 -2.54 8.85 -10.80
CA ALA A 43 -2.68 10.30 -10.86
C ALA A 43 -3.93 10.76 -10.12
N GLY A 44 -4.93 9.89 -10.07
CA GLY A 44 -6.18 10.24 -9.41
C GLY A 44 -6.09 10.04 -7.90
N ARG A 45 -5.73 8.84 -7.48
CA ARG A 45 -5.61 8.54 -6.06
C ARG A 45 -4.66 9.51 -5.37
N THR A 46 -5.10 10.05 -4.24
CA THR A 46 -4.29 10.99 -3.47
C THR A 46 -3.50 10.29 -2.39
N ALA A 47 -2.64 11.03 -1.70
CA ALA A 47 -1.82 10.48 -0.63
C ALA A 47 -2.67 9.73 0.38
N VAL A 48 -3.93 10.14 0.52
CA VAL A 48 -4.85 9.51 1.46
C VAL A 48 -4.98 8.02 1.17
N ASN A 49 -4.91 7.66 -0.11
CA ASN A 49 -5.01 6.26 -0.52
C ASN A 49 -3.86 5.43 0.05
N LEU A 50 -2.72 6.08 0.24
CA LEU A 50 -1.53 5.41 0.79
C LEU A 50 -1.69 5.16 2.28
N LYS A 51 -2.00 6.22 3.03
CA LYS A 51 -2.18 6.11 4.46
C LYS A 51 -3.41 5.27 4.81
N ASP A 52 -4.41 5.32 3.93
CA ASP A 52 -5.64 4.56 4.14
C ASP A 52 -5.36 3.07 4.16
N ARG A 53 -4.76 2.57 3.07
CA ARG A 53 -4.43 1.16 2.95
C ARG A 53 -3.47 0.73 4.07
N TRP A 54 -2.62 1.65 4.50
CA TRP A 54 -1.66 1.36 5.55
C TRP A 54 -2.35 1.25 6.90
N ARG A 55 -3.21 2.21 7.21
CA ARG A 55 -3.95 2.21 8.47
C ARG A 55 -4.69 0.90 8.67
N THR A 56 -5.49 0.52 7.67
CA THR A 56 -6.26 -0.71 7.73
C THR A 56 -5.35 -1.92 7.95
N MET A 57 -4.33 -2.05 7.10
CA MET A 57 -3.39 -3.16 7.19
C MET A 57 -2.77 -3.22 8.58
N VAL A 58 -2.46 -2.06 9.15
CA VAL A 58 -1.87 -1.99 10.48
C VAL A 58 -2.74 -2.68 11.52
N LYS A 59 -4.05 -2.44 11.43
CA LYS A 59 -5.00 -3.04 12.36
C LYS A 59 -4.97 -4.57 12.27
N LEU A 60 -4.84 -5.08 11.04
CA LEU A 60 -4.79 -6.51 10.82
C LEU A 60 -3.35 -7.02 10.80
N LYS A 61 -2.45 -6.22 11.37
CA LYS A 61 -1.03 -6.58 11.41
C LYS A 61 -0.64 -7.42 10.20
N MET A 62 -1.02 -6.94 9.02
CA MET A 62 -0.70 -7.65 7.78
C MET A 62 0.63 -7.15 7.20
N VAL A 63 0.92 -5.87 7.40
CA VAL A 63 2.15 -5.28 6.90
C VAL A 63 3.28 -5.39 7.92
N SER A 1 7.33 -15.91 7.89
CA SER A 1 6.38 -14.81 7.77
C SER A 1 6.39 -14.22 6.37
N THR A 2 5.24 -14.21 5.73
CA THR A 2 5.11 -13.68 4.37
C THR A 2 4.00 -12.64 4.30
N ALA A 3 4.00 -11.87 3.21
CA ALA A 3 2.99 -10.84 3.01
C ALA A 3 1.73 -11.42 2.37
N PRO A 4 0.60 -10.70 2.52
CA PRO A 4 -0.69 -11.13 1.97
C PRO A 4 -0.72 -11.05 0.44
N ALA A 5 -0.45 -12.18 -0.20
CA ALA A 5 -0.45 -12.24 -1.66
C ALA A 5 -1.59 -13.11 -2.17
N LYS A 6 -2.66 -12.45 -2.63
CA LYS A 6 -3.83 -13.16 -3.15
C LYS A 6 -4.44 -12.40 -4.32
N LYS A 7 -4.67 -13.10 -5.42
CA LYS A 7 -5.27 -12.49 -6.61
C LYS A 7 -6.78 -12.69 -6.62
N TYR A 8 -7.52 -11.62 -6.33
CA TYR A 8 -8.97 -11.67 -6.31
C TYR A 8 -9.56 -10.79 -7.41
N THR A 9 -9.26 -9.51 -7.36
CA THR A 9 -9.77 -8.56 -8.35
C THR A 9 -8.64 -8.05 -9.25
N ARG A 10 -8.80 -8.26 -10.55
CA ARG A 10 -7.80 -7.83 -11.52
C ARG A 10 -8.41 -6.89 -12.55
N LYS A 11 -9.34 -6.05 -12.11
CA LYS A 11 -10.01 -5.11 -13.00
C LYS A 11 -9.53 -3.68 -12.74
N MET A 12 -9.71 -3.22 -11.50
CA MET A 12 -9.30 -1.88 -11.13
C MET A 12 -8.26 -1.93 -10.01
N TRP A 13 -8.59 -2.63 -8.93
CA TRP A 13 -7.68 -2.77 -7.80
C TRP A 13 -6.70 -3.91 -8.01
N SER A 14 -5.44 -3.69 -7.63
CA SER A 14 -4.41 -4.70 -7.78
C SER A 14 -3.60 -4.85 -6.50
N VAL A 15 -3.23 -6.09 -6.18
CA VAL A 15 -2.46 -6.37 -4.98
C VAL A 15 -1.04 -5.84 -5.10
N GLN A 16 -0.57 -5.70 -6.33
CA GLN A 16 0.78 -5.20 -6.58
C GLN A 16 1.00 -3.87 -5.87
N GLU A 17 0.09 -2.93 -6.06
CA GLU A 17 0.18 -1.62 -5.44
C GLU A 17 0.41 -1.75 -3.94
N SER A 18 -0.15 -2.80 -3.34
CA SER A 18 -0.02 -3.03 -1.91
C SER A 18 1.41 -3.46 -1.56
N GLU A 19 2.00 -4.28 -2.43
CA GLU A 19 3.36 -4.76 -2.21
C GLU A 19 4.34 -3.59 -2.11
N TRP A 20 4.23 -2.66 -3.04
CA TRP A 20 5.11 -1.49 -3.05
C TRP A 20 4.80 -0.57 -1.88
N LEU A 21 3.54 -0.55 -1.46
CA LEU A 21 3.11 0.29 -0.35
C LEU A 21 3.68 -0.22 0.97
N LYS A 22 3.50 -1.51 1.23
CA LYS A 22 4.00 -2.13 2.45
C LYS A 22 5.51 -1.92 2.59
N GLN A 23 6.27 -2.42 1.63
CA GLN A 23 7.72 -2.28 1.65
C GLN A 23 8.13 -0.83 1.56
N GLY A 24 7.39 -0.06 0.77
CA GLY A 24 7.69 1.35 0.60
C GLY A 24 7.65 2.11 1.91
N VAL A 25 6.65 1.81 2.74
CA VAL A 25 6.51 2.47 4.03
C VAL A 25 7.52 1.95 5.04
N VAL A 26 7.95 0.69 4.85
CA VAL A 26 8.92 0.08 5.74
C VAL A 26 10.32 0.60 5.47
N ARG A 27 10.59 0.92 4.20
CA ARG A 27 11.89 1.44 3.80
C ARG A 27 11.91 2.96 3.83
N TYR A 28 10.86 3.57 3.30
CA TYR A 28 10.77 5.03 3.26
C TYR A 28 10.17 5.56 4.57
N GLY A 29 9.72 4.65 5.42
CA GLY A 29 9.13 5.05 6.69
C GLY A 29 7.82 5.79 6.52
N VAL A 30 6.81 5.37 7.26
CA VAL A 30 5.49 6.00 7.19
C VAL A 30 5.61 7.52 7.19
N GLY A 31 4.56 8.19 6.71
CA GLY A 31 4.57 9.64 6.66
C GLY A 31 4.86 10.17 5.27
N HIS A 32 5.52 9.36 4.45
CA HIS A 32 5.85 9.75 3.09
C HIS A 32 4.83 9.21 2.10
N TRP A 33 3.55 9.42 2.39
CA TRP A 33 2.48 8.96 1.54
C TRP A 33 2.72 9.38 0.09
N GLU A 34 3.26 10.57 -0.09
CA GLU A 34 3.54 11.09 -1.43
C GLU A 34 4.70 10.32 -2.08
N ARG A 35 5.87 10.41 -1.48
CA ARG A 35 7.05 9.72 -2.00
C ARG A 35 6.74 8.26 -2.30
N ILE A 36 5.95 7.64 -1.44
CA ILE A 36 5.57 6.24 -1.60
C ILE A 36 4.49 6.09 -2.68
N ARG A 37 3.62 7.09 -2.76
CA ARG A 37 2.53 7.07 -3.74
C ARG A 37 3.08 6.85 -5.15
N SER A 38 4.29 7.33 -5.38
CA SER A 38 4.92 7.20 -6.69
C SER A 38 5.12 5.73 -7.06
N ALA A 39 5.03 4.86 -6.06
CA ALA A 39 5.18 3.43 -6.26
C ALA A 39 4.34 2.94 -7.43
N PHE A 40 3.04 3.25 -7.39
CA PHE A 40 2.13 2.86 -8.45
C PHE A 40 1.69 4.06 -9.28
N PRO A 41 1.40 3.82 -10.57
CA PRO A 41 0.97 4.87 -11.49
C PRO A 41 -0.43 5.38 -11.17
N PHE A 42 -0.54 6.21 -10.14
CA PHE A 42 -1.81 6.77 -9.73
C PHE A 42 -1.97 8.21 -10.24
N ALA A 43 -2.81 8.38 -11.26
CA ALA A 43 -3.05 9.70 -11.84
C ALA A 43 -4.29 10.34 -11.23
N GLY A 44 -4.68 9.86 -10.06
CA GLY A 44 -5.85 10.41 -9.39
C GLY A 44 -5.82 10.20 -7.89
N ARG A 45 -5.39 9.01 -7.47
CA ARG A 45 -5.31 8.68 -6.06
C ARG A 45 -4.34 9.61 -5.32
N THR A 46 -4.81 10.19 -4.22
CA THR A 46 -3.99 11.11 -3.43
C THR A 46 -3.27 10.38 -2.30
N ALA A 47 -2.42 11.10 -1.59
CA ALA A 47 -1.68 10.52 -0.48
C ALA A 47 -2.61 9.78 0.49
N VAL A 48 -3.85 10.24 0.56
CA VAL A 48 -4.83 9.63 1.44
C VAL A 48 -5.01 8.15 1.13
N ASN A 49 -4.87 7.79 -0.15
CA ASN A 49 -5.01 6.41 -0.58
C ASN A 49 -3.89 5.54 0.00
N LEU A 50 -2.72 6.14 0.17
CA LEU A 50 -1.57 5.42 0.71
C LEU A 50 -1.68 5.27 2.22
N LYS A 51 -1.96 6.38 2.90
CA LYS A 51 -2.09 6.37 4.36
C LYS A 51 -3.30 5.53 4.78
N ASP A 52 -4.31 5.48 3.92
CA ASP A 52 -5.51 4.72 4.21
C ASP A 52 -5.22 3.22 4.19
N ARG A 53 -4.65 2.74 3.09
CA ARG A 53 -4.32 1.33 2.94
C ARG A 53 -3.33 0.89 4.02
N TRP A 54 -2.55 1.84 4.52
CA TRP A 54 -1.56 1.55 5.56
C TRP A 54 -2.23 1.33 6.91
N ARG A 55 -3.26 2.13 7.19
CA ARG A 55 -3.99 2.03 8.45
C ARG A 55 -4.71 0.68 8.55
N THR A 56 -5.40 0.31 7.47
CA THR A 56 -6.14 -0.95 7.44
C THR A 56 -5.19 -2.14 7.66
N MET A 57 -4.12 -2.19 6.88
CA MET A 57 -3.15 -3.27 7.00
C MET A 57 -2.61 -3.38 8.42
N VAL A 58 -2.48 -2.23 9.09
CA VAL A 58 -1.98 -2.19 10.45
C VAL A 58 -2.94 -2.90 11.41
N LYS A 59 -4.24 -2.71 11.19
CA LYS A 59 -5.26 -3.33 12.02
C LYS A 59 -5.21 -4.85 11.90
N LEU A 60 -4.97 -5.34 10.70
CA LEU A 60 -4.89 -6.77 10.46
C LEU A 60 -3.45 -7.27 10.55
N LYS A 61 -2.60 -6.47 11.18
CA LYS A 61 -1.19 -6.82 11.34
C LYS A 61 -0.70 -7.66 10.17
N MET A 62 -0.99 -7.20 8.96
CA MET A 62 -0.58 -7.91 7.76
C MET A 62 0.69 -7.29 7.17
N VAL A 63 0.91 -6.02 7.47
CA VAL A 63 2.08 -5.31 6.97
C VAL A 63 3.23 -5.37 7.98
N SER A 1 7.37 -13.06 -1.55
CA SER A 1 7.20 -11.62 -1.45
C SER A 1 5.73 -11.24 -1.50
N THR A 2 4.90 -11.97 -0.76
CA THR A 2 3.47 -11.71 -0.72
C THR A 2 3.02 -11.33 0.68
N ALA A 3 1.82 -10.76 0.78
CA ALA A 3 1.26 -10.36 2.06
C ALA A 3 0.83 -11.57 2.88
N PRO A 4 0.70 -11.38 4.19
CA PRO A 4 0.29 -12.44 5.11
C PRO A 4 -1.17 -12.84 4.93
N ALA A 5 -1.41 -14.11 4.64
CA ALA A 5 -2.75 -14.62 4.44
C ALA A 5 -3.49 -13.82 3.36
N LYS A 6 -2.81 -13.60 2.24
CA LYS A 6 -3.40 -12.86 1.13
C LYS A 6 -4.10 -13.79 0.15
N LYS A 7 -5.42 -13.86 0.25
CA LYS A 7 -6.21 -14.71 -0.63
C LYS A 7 -6.02 -14.31 -2.10
N TYR A 8 -6.70 -15.02 -2.99
CA TYR A 8 -6.61 -14.74 -4.42
C TYR A 8 -7.07 -13.31 -4.72
N THR A 9 -7.09 -12.97 -6.01
CA THR A 9 -7.52 -11.65 -6.44
C THR A 9 -8.70 -11.73 -7.39
N ARG A 10 -9.70 -10.89 -7.16
CA ARG A 10 -10.89 -10.87 -8.01
C ARG A 10 -11.26 -9.43 -8.38
N LYS A 11 -10.25 -8.62 -8.65
CA LYS A 11 -10.47 -7.23 -9.04
C LYS A 11 -9.42 -6.76 -10.04
N MET A 12 -9.77 -5.76 -10.83
CA MET A 12 -8.85 -5.21 -11.83
C MET A 12 -7.58 -4.71 -11.18
N TRP A 13 -7.67 -4.37 -9.89
CA TRP A 13 -6.52 -3.86 -9.15
C TRP A 13 -5.46 -4.94 -8.98
N SER A 14 -4.22 -4.61 -9.34
CA SER A 14 -3.12 -5.56 -9.23
C SER A 14 -2.55 -5.58 -7.82
N VAL A 15 -2.19 -6.78 -7.36
CA VAL A 15 -1.65 -6.94 -6.02
C VAL A 15 -0.28 -6.29 -5.89
N GLN A 16 0.42 -6.16 -7.03
CA GLN A 16 1.74 -5.55 -7.05
C GLN A 16 1.71 -4.18 -6.39
N GLU A 17 0.62 -3.45 -6.57
CA GLU A 17 0.47 -2.12 -6.00
C GLU A 17 0.63 -2.16 -4.48
N SER A 18 -0.22 -2.95 -3.83
CA SER A 18 -0.19 -3.07 -2.38
C SER A 18 1.20 -3.51 -1.91
N GLU A 19 1.89 -4.26 -2.75
CA GLU A 19 3.23 -4.73 -2.43
C GLU A 19 4.21 -3.56 -2.28
N TRP A 20 4.11 -2.61 -3.19
CA TRP A 20 4.99 -1.44 -3.17
C TRP A 20 4.67 -0.56 -1.97
N LEU A 21 3.40 -0.55 -1.56
CA LEU A 21 2.97 0.26 -0.42
C LEU A 21 3.54 -0.30 0.89
N LYS A 22 3.38 -1.60 1.09
CA LYS A 22 3.87 -2.25 2.30
C LYS A 22 5.38 -2.05 2.44
N GLN A 23 6.14 -2.53 1.46
CA GLN A 23 7.59 -2.39 1.48
C GLN A 23 8.01 -0.93 1.45
N GLY A 24 7.27 -0.14 0.67
CA GLY A 24 7.58 1.28 0.57
C GLY A 24 7.55 1.99 1.91
N VAL A 25 6.56 1.67 2.72
CA VAL A 25 6.43 2.27 4.05
C VAL A 25 7.44 1.69 5.03
N VAL A 26 7.84 0.45 4.79
CA VAL A 26 8.80 -0.23 5.65
C VAL A 26 10.22 0.28 5.38
N ARG A 27 10.48 0.66 4.13
CA ARG A 27 11.80 1.16 3.76
C ARG A 27 11.84 2.68 3.85
N TYR A 28 10.80 3.33 3.33
CA TYR A 28 10.73 4.79 3.36
C TYR A 28 10.14 5.29 4.67
N GLY A 29 9.68 4.34 5.50
CA GLY A 29 9.09 4.71 6.78
C GLY A 29 7.79 5.47 6.63
N VAL A 30 6.78 5.04 7.38
CA VAL A 30 5.47 5.68 7.33
C VAL A 30 5.61 7.21 7.36
N GLY A 31 4.57 7.90 6.89
CA GLY A 31 4.59 9.35 6.87
C GLY A 31 4.91 9.90 5.49
N HIS A 32 5.57 9.11 4.66
CA HIS A 32 5.93 9.52 3.32
C HIS A 32 4.89 9.06 2.31
N TRP A 33 3.63 9.35 2.59
CA TRP A 33 2.53 8.96 1.71
C TRP A 33 2.82 9.40 0.27
N GLU A 34 3.38 10.60 0.12
CA GLU A 34 3.70 11.13 -1.20
C GLU A 34 4.84 10.35 -1.84
N ARG A 35 6.01 10.41 -1.21
CA ARG A 35 7.19 9.71 -1.72
C ARG A 35 6.85 8.26 -2.06
N ILE A 36 6.03 7.64 -1.23
CA ILE A 36 5.62 6.25 -1.44
C ILE A 36 4.57 6.15 -2.53
N ARG A 37 3.71 7.16 -2.61
CA ARG A 37 2.65 7.18 -3.61
C ARG A 37 3.22 7.00 -5.02
N SER A 38 4.46 7.46 -5.21
CA SER A 38 5.12 7.36 -6.51
C SER A 38 5.31 5.90 -6.91
N ALA A 39 5.15 4.99 -5.94
CA ALA A 39 5.31 3.57 -6.19
C ALA A 39 4.49 3.14 -7.40
N PHE A 40 3.21 3.47 -7.39
CA PHE A 40 2.32 3.11 -8.49
C PHE A 40 1.95 4.35 -9.32
N PRO A 41 1.56 4.12 -10.58
CA PRO A 41 1.18 5.19 -11.50
C PRO A 41 -0.15 5.85 -11.11
N PHE A 42 -0.09 6.71 -10.10
CA PHE A 42 -1.29 7.41 -9.64
C PHE A 42 -1.97 8.15 -10.78
N ALA A 43 -3.30 8.06 -10.82
CA ALA A 43 -4.08 8.72 -11.86
C ALA A 43 -5.16 9.60 -11.26
N GLY A 44 -5.76 9.13 -10.17
CA GLY A 44 -6.81 9.88 -9.51
C GLY A 44 -6.85 9.66 -8.02
N ARG A 45 -5.77 9.09 -7.49
CA ARG A 45 -5.68 8.81 -6.05
C ARG A 45 -4.71 9.77 -5.37
N THR A 46 -5.12 10.32 -4.23
CA THR A 46 -4.29 11.25 -3.48
C THR A 46 -3.48 10.53 -2.41
N ALA A 47 -2.61 11.27 -1.73
CA ALA A 47 -1.78 10.69 -0.68
C ALA A 47 -2.62 9.93 0.34
N VAL A 48 -3.87 10.36 0.49
CA VAL A 48 -4.78 9.71 1.44
C VAL A 48 -4.92 8.21 1.13
N ASN A 49 -4.84 7.87 -0.15
CA ASN A 49 -4.95 6.48 -0.56
C ASN A 49 -3.84 5.63 0.06
N LEU A 50 -2.67 6.24 0.24
CA LEU A 50 -1.53 5.54 0.83
C LEU A 50 -1.70 5.40 2.34
N LYS A 51 -1.92 6.52 3.01
CA LYS A 51 -2.10 6.52 4.46
C LYS A 51 -3.32 5.70 4.86
N ASP A 52 -4.30 5.61 3.94
CA ASP A 52 -5.52 4.85 4.20
C ASP A 52 -5.22 3.36 4.25
N ARG A 53 -4.74 2.82 3.15
CA ARG A 53 -4.42 1.40 3.06
C ARG A 53 -3.49 0.98 4.20
N TRP A 54 -2.63 1.90 4.61
CA TRP A 54 -1.68 1.63 5.69
C TRP A 54 -2.40 1.49 7.02
N ARG A 55 -3.24 2.47 7.34
CA ARG A 55 -4.00 2.46 8.58
C ARG A 55 -4.73 1.14 8.77
N THR A 56 -5.53 0.76 7.77
CA THR A 56 -6.29 -0.48 7.82
C THR A 56 -5.36 -1.68 8.01
N MET A 57 -4.35 -1.78 7.15
CA MET A 57 -3.40 -2.88 7.23
C MET A 57 -2.77 -2.96 8.61
N VAL A 58 -2.46 -1.81 9.19
CA VAL A 58 -1.85 -1.74 10.52
C VAL A 58 -2.71 -2.47 11.55
N LYS A 59 -4.02 -2.26 11.46
CA LYS A 59 -4.95 -2.90 12.38
C LYS A 59 -4.91 -4.42 12.25
N LEU A 60 -4.78 -4.89 11.01
CA LEU A 60 -4.72 -6.32 10.74
C LEU A 60 -3.28 -6.82 10.71
N LYS A 61 -2.38 -6.03 11.29
CA LYS A 61 -0.96 -6.38 11.32
C LYS A 61 -0.57 -7.17 10.07
N MET A 62 -0.97 -6.65 8.91
CA MET A 62 -0.64 -7.30 7.64
C MET A 62 0.68 -6.79 7.09
N VAL A 63 0.92 -5.49 7.24
CA VAL A 63 2.15 -4.87 6.75
C VAL A 63 3.31 -5.17 7.68
N SER A 1 9.17 -15.43 1.94
CA SER A 1 8.48 -14.17 1.73
C SER A 1 8.23 -13.46 3.06
N THR A 2 7.82 -12.19 2.97
CA THR A 2 7.55 -11.39 4.17
C THR A 2 6.06 -11.13 4.32
N ALA A 3 5.46 -10.54 3.29
CA ALA A 3 4.04 -10.22 3.31
C ALA A 3 3.21 -11.42 2.86
N PRO A 4 1.92 -11.42 3.22
CA PRO A 4 0.99 -12.50 2.87
C PRO A 4 0.68 -12.52 1.37
N ALA A 5 0.56 -13.73 0.82
CA ALA A 5 0.26 -13.89 -0.59
C ALA A 5 -0.88 -14.87 -0.80
N LYS A 6 -1.81 -14.90 0.15
CA LYS A 6 -2.95 -15.81 0.08
C LYS A 6 -4.26 -15.02 0.03
N LYS A 7 -4.75 -14.76 -1.18
CA LYS A 7 -5.98 -14.02 -1.36
C LYS A 7 -7.10 -14.94 -1.83
N TYR A 8 -8.26 -14.85 -1.18
CA TYR A 8 -9.41 -15.68 -1.53
C TYR A 8 -10.14 -15.11 -2.73
N THR A 9 -10.48 -13.82 -2.64
CA THR A 9 -11.20 -13.14 -3.71
C THR A 9 -10.40 -11.95 -4.23
N ARG A 10 -10.23 -11.88 -5.55
CA ARG A 10 -9.49 -10.79 -6.17
C ARG A 10 -10.41 -9.63 -6.49
N LYS A 11 -10.32 -8.57 -5.70
CA LYS A 11 -11.14 -7.38 -5.90
C LYS A 11 -10.62 -6.55 -7.08
N MET A 12 -11.31 -5.45 -7.36
CA MET A 12 -10.91 -4.56 -8.46
C MET A 12 -9.54 -3.96 -8.19
N TRP A 13 -9.23 -3.72 -6.92
CA TRP A 13 -7.95 -3.14 -6.54
C TRP A 13 -6.80 -4.11 -6.83
N SER A 14 -5.69 -3.57 -7.30
CA SER A 14 -4.52 -4.38 -7.62
C SER A 14 -3.62 -4.57 -6.40
N VAL A 15 -3.33 -5.82 -6.07
CA VAL A 15 -2.49 -6.14 -4.93
C VAL A 15 -1.09 -5.56 -5.10
N GLN A 16 -0.68 -5.35 -6.35
CA GLN A 16 0.63 -4.80 -6.64
C GLN A 16 0.86 -3.49 -5.90
N GLU A 17 -0.12 -2.59 -6.00
CA GLU A 17 -0.03 -1.29 -5.34
C GLU A 17 0.23 -1.46 -3.84
N SER A 18 -0.43 -2.44 -3.24
CA SER A 18 -0.27 -2.70 -1.82
C SER A 18 1.15 -3.17 -1.50
N GLU A 19 1.70 -4.02 -2.37
CA GLU A 19 3.04 -4.54 -2.18
C GLU A 19 4.05 -3.39 -2.08
N TRP A 20 3.96 -2.45 -3.01
CA TRP A 20 4.87 -1.31 -3.03
C TRP A 20 4.60 -0.37 -1.85
N LEU A 21 3.34 -0.34 -1.42
CA LEU A 21 2.94 0.51 -0.30
C LEU A 21 3.52 -0.02 1.01
N LYS A 22 3.31 -1.31 1.26
CA LYS A 22 3.82 -1.94 2.48
C LYS A 22 5.33 -1.81 2.58
N GLN A 23 6.04 -2.35 1.59
CA GLN A 23 7.49 -2.29 1.57
C GLN A 23 7.97 -0.85 1.44
N GLY A 24 7.18 -0.01 0.77
CA GLY A 24 7.55 1.38 0.60
C GLY A 24 7.59 2.14 1.91
N VAL A 25 6.60 1.89 2.76
CA VAL A 25 6.52 2.56 4.06
C VAL A 25 7.54 1.99 5.03
N VAL A 26 7.89 0.72 4.83
CA VAL A 26 8.86 0.06 5.70
C VAL A 26 10.28 0.53 5.41
N ARG A 27 10.54 0.87 4.14
CA ARG A 27 11.85 1.35 3.74
C ARG A 27 11.92 2.86 3.77
N TYR A 28 10.87 3.51 3.26
CA TYR A 28 10.80 4.96 3.22
C TYR A 28 10.27 5.52 4.53
N GLY A 29 9.79 4.62 5.40
CA GLY A 29 9.25 5.04 6.68
C GLY A 29 7.97 5.83 6.53
N VAL A 30 6.96 5.46 7.32
CA VAL A 30 5.67 6.14 7.28
C VAL A 30 5.85 7.66 7.24
N GLY A 31 4.82 8.35 6.76
CA GLY A 31 4.88 9.80 6.68
C GLY A 31 5.18 10.28 5.27
N HIS A 32 5.80 9.43 4.47
CA HIS A 32 6.15 9.79 3.10
C HIS A 32 5.08 9.30 2.13
N TRP A 33 3.83 9.62 2.43
CA TRP A 33 2.72 9.23 1.58
C TRP A 33 2.97 9.60 0.13
N GLU A 34 3.48 10.81 -0.09
CA GLU A 34 3.77 11.29 -1.43
C GLU A 34 4.91 10.50 -2.07
N ARG A 35 6.09 10.57 -1.45
CA ARG A 35 7.25 9.85 -1.95
C ARG A 35 6.91 8.39 -2.23
N ILE A 36 6.11 7.80 -1.37
CA ILE A 36 5.71 6.40 -1.52
C ILE A 36 4.65 6.25 -2.62
N ARG A 37 3.81 7.27 -2.77
CA ARG A 37 2.76 7.26 -3.77
C ARG A 37 3.34 7.01 -5.17
N SER A 38 4.55 7.50 -5.39
CA SER A 38 5.22 7.34 -6.68
C SER A 38 5.51 5.86 -6.96
N ALA A 39 5.42 5.05 -5.91
CA ALA A 39 5.66 3.61 -6.04
C ALA A 39 4.66 2.96 -6.99
N PHE A 40 3.38 3.25 -6.78
CA PHE A 40 2.32 2.70 -7.60
C PHE A 40 1.88 3.69 -8.67
N PRO A 41 1.37 3.18 -9.79
CA PRO A 41 0.90 4.01 -10.92
C PRO A 41 -0.37 4.80 -10.56
N PHE A 42 -0.19 5.89 -9.83
CA PHE A 42 -1.32 6.73 -9.44
C PHE A 42 -1.97 7.37 -10.65
N ALA A 43 -3.30 7.34 -10.68
CA ALA A 43 -4.05 7.93 -11.79
C ALA A 43 -5.25 8.71 -11.28
N GLY A 44 -5.16 9.20 -10.05
CA GLY A 44 -6.25 9.97 -9.47
C GLY A 44 -6.28 9.87 -7.95
N ARG A 45 -5.61 8.86 -7.41
CA ARG A 45 -5.57 8.66 -5.97
C ARG A 45 -4.60 9.63 -5.31
N THR A 46 -5.01 10.20 -4.18
CA THR A 46 -4.19 11.15 -3.46
C THR A 46 -3.36 10.45 -2.38
N ALA A 47 -2.50 11.22 -1.70
CA ALA A 47 -1.66 10.67 -0.65
C ALA A 47 -2.50 9.93 0.39
N VAL A 48 -3.75 10.35 0.54
CA VAL A 48 -4.65 9.72 1.50
C VAL A 48 -4.79 8.23 1.23
N ASN A 49 -4.73 7.86 -0.05
CA ASN A 49 -4.85 6.45 -0.44
C ASN A 49 -3.68 5.64 0.11
N LEU A 50 -2.55 6.30 0.33
CA LEU A 50 -1.36 5.63 0.85
C LEU A 50 -1.49 5.40 2.36
N LYS A 51 -1.82 6.45 3.09
CA LYS A 51 -1.98 6.36 4.53
C LYS A 51 -3.22 5.54 4.90
N ASP A 52 -4.19 5.52 3.99
CA ASP A 52 -5.42 4.77 4.21
C ASP A 52 -5.16 3.27 4.18
N ARG A 53 -4.66 2.79 3.05
CA ARG A 53 -4.37 1.37 2.89
C ARG A 53 -3.37 0.89 3.94
N TRP A 54 -2.49 1.79 4.35
CA TRP A 54 -1.48 1.47 5.35
C TRP A 54 -2.12 1.22 6.71
N ARG A 55 -3.11 2.04 7.05
CA ARG A 55 -3.81 1.92 8.33
C ARG A 55 -4.60 0.61 8.38
N THR A 56 -5.36 0.34 7.33
CA THR A 56 -6.17 -0.87 7.25
C THR A 56 -5.30 -2.12 7.35
N MET A 57 -4.26 -2.18 6.52
CA MET A 57 -3.36 -3.31 6.51
C MET A 57 -2.77 -3.56 7.90
N VAL A 58 -2.53 -2.47 8.62
CA VAL A 58 -1.98 -2.56 9.98
C VAL A 58 -2.94 -3.27 10.92
N LYS A 59 -4.22 -2.97 10.79
CA LYS A 59 -5.24 -3.57 11.63
C LYS A 59 -5.29 -5.09 11.42
N LEU A 60 -5.14 -5.51 10.18
CA LEU A 60 -5.16 -6.93 9.84
C LEU A 60 -3.74 -7.52 9.84
N LYS A 61 -2.82 -6.80 10.47
CA LYS A 61 -1.43 -7.25 10.55
C LYS A 61 -1.04 -8.04 9.30
N MET A 62 -1.37 -7.49 8.14
CA MET A 62 -1.05 -8.14 6.87
C MET A 62 0.06 -7.39 6.13
N VAL A 63 0.79 -6.56 6.87
CA VAL A 63 1.89 -5.78 6.28
C VAL A 63 3.22 -6.16 6.91
N SER A 1 8.74 -9.69 -0.64
CA SER A 1 8.63 -10.97 -1.31
C SER A 1 7.19 -11.22 -1.77
N THR A 2 6.27 -11.29 -0.81
CA THR A 2 4.86 -11.52 -1.12
C THR A 2 3.98 -11.08 0.04
N ALA A 3 2.71 -10.80 -0.26
CA ALA A 3 1.76 -10.37 0.75
C ALA A 3 0.84 -11.51 1.17
N PRO A 4 0.22 -11.38 2.35
CA PRO A 4 -0.69 -12.41 2.87
C PRO A 4 -2.00 -12.48 2.09
N ALA A 5 -2.87 -13.39 2.49
CA ALA A 5 -4.16 -13.56 1.83
C ALA A 5 -4.94 -12.26 1.80
N LYS A 6 -5.96 -12.19 0.96
CA LYS A 6 -6.80 -11.00 0.84
C LYS A 6 -8.14 -11.20 1.55
N LYS A 7 -8.69 -10.11 2.06
CA LYS A 7 -9.97 -10.16 2.76
C LYS A 7 -11.06 -9.45 1.96
N TYR A 8 -10.98 -8.14 1.89
CA TYR A 8 -11.97 -7.34 1.16
C TYR A 8 -11.37 -6.81 -0.14
N THR A 9 -12.22 -6.66 -1.15
CA THR A 9 -11.79 -6.15 -2.44
C THR A 9 -12.54 -4.88 -2.83
N ARG A 10 -11.81 -3.90 -3.36
CA ARG A 10 -12.41 -2.63 -3.77
C ARG A 10 -12.36 -2.48 -5.28
N LYS A 11 -12.94 -1.37 -5.77
CA LYS A 11 -12.96 -1.11 -7.21
C LYS A 11 -11.55 -0.94 -7.75
N MET A 12 -11.23 -1.68 -8.81
CA MET A 12 -9.91 -1.60 -9.43
C MET A 12 -8.82 -1.83 -8.39
N TRP A 13 -9.12 -2.64 -7.38
CA TRP A 13 -8.16 -2.93 -6.32
C TRP A 13 -7.06 -3.86 -6.83
N SER A 14 -5.81 -3.47 -6.59
CA SER A 14 -4.66 -4.26 -7.03
C SER A 14 -3.69 -4.50 -5.88
N VAL A 15 -3.36 -5.76 -5.65
CA VAL A 15 -2.44 -6.13 -4.58
C VAL A 15 -1.04 -5.60 -4.86
N GLN A 16 -0.73 -5.42 -6.13
CA GLN A 16 0.59 -4.92 -6.53
C GLN A 16 0.91 -3.61 -5.81
N GLU A 17 -0.01 -2.65 -5.91
CA GLU A 17 0.19 -1.35 -5.28
C GLU A 17 0.44 -1.51 -3.78
N SER A 18 -0.26 -2.45 -3.16
CA SER A 18 -0.11 -2.70 -1.73
C SER A 18 1.30 -3.20 -1.42
N GLU A 19 1.78 -4.13 -2.23
CA GLU A 19 3.12 -4.69 -2.04
C GLU A 19 4.16 -3.59 -1.96
N TRP A 20 4.12 -2.67 -2.91
CA TRP A 20 5.07 -1.56 -2.94
C TRP A 20 4.84 -0.61 -1.78
N LEU A 21 3.59 -0.52 -1.34
CA LEU A 21 3.23 0.36 -0.22
C LEU A 21 3.82 -0.15 1.08
N LYS A 22 3.60 -1.44 1.36
CA LYS A 22 4.11 -2.05 2.58
C LYS A 22 5.63 -1.90 2.67
N GLN A 23 6.34 -2.39 1.68
CA GLN A 23 7.79 -2.30 1.65
C GLN A 23 8.25 -0.85 1.55
N GLY A 24 7.48 -0.05 0.82
CA GLY A 24 7.82 1.35 0.65
C GLY A 24 7.82 2.11 1.97
N VAL A 25 6.85 1.81 2.83
CA VAL A 25 6.72 2.46 4.13
C VAL A 25 7.76 1.93 5.10
N VAL A 26 8.18 0.69 4.91
CA VAL A 26 9.18 0.06 5.77
C VAL A 26 10.58 0.58 5.45
N ARG A 27 10.81 0.90 4.18
CA ARG A 27 12.10 1.41 3.75
C ARG A 27 12.13 2.93 3.78
N TYR A 28 11.08 3.55 3.27
CA TYR A 28 10.98 5.00 3.24
C TYR A 28 10.42 5.54 4.55
N GLY A 29 9.99 4.62 5.42
CA GLY A 29 9.44 5.03 6.70
C GLY A 29 8.11 5.76 6.56
N VAL A 30 7.12 5.33 7.34
CA VAL A 30 5.80 5.96 7.30
C VAL A 30 5.90 7.47 7.28
N GLY A 31 4.85 8.13 6.80
CA GLY A 31 4.84 9.58 6.74
C GLY A 31 5.13 10.10 5.34
N HIS A 32 5.75 9.27 4.52
CA HIS A 32 6.08 9.65 3.15
C HIS A 32 5.01 9.16 2.17
N TRP A 33 3.76 9.46 2.48
CA TRP A 33 2.64 9.06 1.63
C TRP A 33 2.89 9.45 0.18
N GLU A 34 3.44 10.65 -0.02
CA GLU A 34 3.73 11.14 -1.36
C GLU A 34 4.88 10.36 -1.99
N ARG A 35 6.06 10.45 -1.38
CA ARG A 35 7.23 9.76 -1.88
C ARG A 35 6.92 8.30 -2.18
N ILE A 36 6.11 7.68 -1.32
CA ILE A 36 5.73 6.28 -1.49
C ILE A 36 4.64 6.14 -2.55
N ARG A 37 3.78 7.14 -2.64
CA ARG A 37 2.69 7.12 -3.62
C ARG A 37 3.23 6.86 -5.02
N SER A 38 4.43 7.37 -5.29
CA SER A 38 5.06 7.21 -6.60
C SER A 38 5.23 5.73 -6.94
N ALA A 39 5.17 4.89 -5.92
CA ALA A 39 5.32 3.45 -6.11
C ALA A 39 4.37 2.94 -7.19
N PHE A 40 3.08 3.25 -7.04
CA PHE A 40 2.08 2.82 -8.01
C PHE A 40 1.74 3.96 -8.97
N PRO A 41 1.29 3.59 -10.19
CA PRO A 41 0.92 4.56 -11.22
C PRO A 41 -0.35 5.32 -10.87
N PHE A 42 -0.22 6.30 -9.98
CA PHE A 42 -1.37 7.10 -9.57
C PHE A 42 -2.00 7.81 -10.76
N ALA A 43 -3.33 7.81 -10.80
CA ALA A 43 -4.06 8.46 -11.89
C ALA A 43 -5.08 9.45 -11.35
N GLY A 44 -5.70 9.12 -10.22
CA GLY A 44 -6.68 9.99 -9.63
C GLY A 44 -6.79 9.80 -8.13
N ARG A 45 -5.77 9.21 -7.53
CA ARG A 45 -5.74 8.96 -6.09
C ARG A 45 -4.77 9.91 -5.40
N THR A 46 -5.16 10.41 -4.23
CA THR A 46 -4.31 11.32 -3.48
C THR A 46 -3.49 10.57 -2.44
N ALA A 47 -2.61 11.29 -1.75
CA ALA A 47 -1.75 10.69 -0.73
C ALA A 47 -2.58 9.90 0.28
N VAL A 48 -3.83 10.32 0.47
CA VAL A 48 -4.73 9.66 1.41
C VAL A 48 -4.87 8.17 1.07
N ASN A 49 -4.80 7.85 -0.21
CA ASN A 49 -4.92 6.47 -0.66
C ASN A 49 -3.81 5.60 -0.05
N LEU A 50 -2.66 6.21 0.18
CA LEU A 50 -1.53 5.50 0.77
C LEU A 50 -1.71 5.31 2.27
N LYS A 51 -1.95 6.42 2.97
CA LYS A 51 -2.16 6.38 4.42
C LYS A 51 -3.40 5.56 4.77
N ASP A 52 -4.32 5.46 3.83
CA ASP A 52 -5.55 4.72 4.05
C ASP A 52 -5.29 3.21 4.01
N ARG A 53 -4.63 2.75 2.96
CA ARG A 53 -4.31 1.33 2.81
C ARG A 53 -3.38 0.87 3.92
N TRP A 54 -2.43 1.72 4.28
CA TRP A 54 -1.47 1.40 5.33
C TRP A 54 -2.17 1.19 6.66
N ARG A 55 -3.12 2.07 6.97
CA ARG A 55 -3.87 1.99 8.22
C ARG A 55 -4.66 0.69 8.29
N THR A 56 -5.38 0.39 7.21
CA THR A 56 -6.19 -0.82 7.14
C THR A 56 -5.33 -2.07 7.33
N MET A 57 -4.26 -2.16 6.54
CA MET A 57 -3.36 -3.31 6.62
C MET A 57 -2.83 -3.49 8.04
N VAL A 58 -2.61 -2.38 8.73
CA VAL A 58 -2.11 -2.41 10.09
C VAL A 58 -3.09 -3.09 11.03
N LYS A 59 -4.38 -2.81 10.84
CA LYS A 59 -5.43 -3.39 11.66
C LYS A 59 -5.46 -4.91 11.50
N LEU A 60 -5.27 -5.38 10.27
CA LEU A 60 -5.28 -6.80 9.98
C LEU A 60 -3.86 -7.37 10.02
N LYS A 61 -2.95 -6.64 10.66
CA LYS A 61 -1.57 -7.07 10.78
C LYS A 61 -1.16 -7.91 9.56
N MET A 62 -1.43 -7.39 8.38
CA MET A 62 -1.08 -8.08 7.14
C MET A 62 0.25 -7.56 6.59
N VAL A 63 0.58 -6.33 6.92
CA VAL A 63 1.83 -5.72 6.46
C VAL A 63 3.01 -6.22 7.28
N SER A 1 9.09 -14.55 4.97
CA SER A 1 8.12 -13.58 4.49
C SER A 1 7.21 -13.11 5.63
N THR A 2 7.39 -11.84 6.03
CA THR A 2 6.59 -11.27 7.11
C THR A 2 5.17 -11.00 6.64
N ALA A 3 5.04 -10.46 5.44
CA ALA A 3 3.72 -10.13 4.88
C ALA A 3 3.11 -11.36 4.19
N PRO A 4 1.79 -11.33 4.01
CA PRO A 4 1.04 -12.42 3.36
C PRO A 4 1.35 -12.53 1.88
N ALA A 5 2.17 -13.50 1.52
CA ALA A 5 2.53 -13.71 0.12
C ALA A 5 1.63 -14.75 -0.53
N LYS A 6 1.30 -15.79 0.21
CA LYS A 6 0.44 -16.86 -0.29
C LYS A 6 -0.99 -16.37 -0.47
N LYS A 7 -1.29 -15.87 -1.66
CA LYS A 7 -2.63 -15.36 -1.97
C LYS A 7 -2.73 -14.93 -3.43
N TYR A 8 -3.91 -14.50 -3.84
CA TYR A 8 -4.14 -14.07 -5.21
C TYR A 8 -4.99 -12.81 -5.25
N THR A 9 -5.29 -12.33 -6.46
CA THR A 9 -6.09 -11.13 -6.63
C THR A 9 -7.34 -11.42 -7.47
N ARG A 10 -8.47 -10.85 -7.06
CA ARG A 10 -9.72 -11.05 -7.77
C ARG A 10 -10.36 -9.71 -8.12
N LYS A 11 -10.81 -8.98 -7.09
CA LYS A 11 -11.43 -7.68 -7.29
C LYS A 11 -10.54 -6.76 -8.11
N MET A 12 -11.10 -5.62 -8.53
CA MET A 12 -10.35 -4.66 -9.32
C MET A 12 -9.06 -4.25 -8.62
N TRP A 13 -9.08 -4.33 -7.28
CA TRP A 13 -7.91 -3.97 -6.49
C TRP A 13 -6.77 -4.96 -6.73
N SER A 14 -5.57 -4.42 -6.99
CA SER A 14 -4.40 -5.26 -7.23
C SER A 14 -3.52 -5.33 -6.00
N VAL A 15 -3.02 -6.52 -5.69
CA VAL A 15 -2.16 -6.72 -4.53
C VAL A 15 -0.79 -6.07 -4.75
N GLN A 16 -0.41 -5.91 -6.02
CA GLN A 16 0.86 -5.31 -6.36
C GLN A 16 1.03 -3.96 -5.68
N GLU A 17 0.05 -3.08 -5.88
CA GLU A 17 0.09 -1.76 -5.28
C GLU A 17 0.34 -1.83 -3.78
N SER A 18 -0.16 -2.90 -3.16
CA SER A 18 0.00 -3.10 -1.72
C SER A 18 1.42 -3.54 -1.39
N GLU A 19 2.03 -4.30 -2.30
CA GLU A 19 3.39 -4.79 -2.11
C GLU A 19 4.37 -3.63 -2.06
N TRP A 20 4.18 -2.65 -2.95
CA TRP A 20 5.06 -1.49 -3.01
C TRP A 20 4.77 -0.53 -1.86
N LEU A 21 3.52 -0.49 -1.42
CA LEU A 21 3.12 0.38 -0.32
C LEU A 21 3.70 -0.11 1.00
N LYS A 22 3.52 -1.40 1.29
CA LYS A 22 4.02 -1.99 2.52
C LYS A 22 5.54 -1.85 2.60
N GLN A 23 6.23 -2.37 1.59
CA GLN A 23 7.68 -2.30 1.55
C GLN A 23 8.16 -0.87 1.42
N GLY A 24 7.37 -0.04 0.76
CA GLY A 24 7.73 1.36 0.58
C GLY A 24 7.74 2.13 1.89
N VAL A 25 6.77 1.84 2.74
CA VAL A 25 6.67 2.51 4.04
C VAL A 25 7.71 1.99 5.01
N VAL A 26 8.10 0.74 4.83
CA VAL A 26 9.10 0.11 5.68
C VAL A 26 10.50 0.62 5.38
N ARG A 27 10.74 0.95 4.11
CA ARG A 27 12.04 1.45 3.67
C ARG A 27 12.06 2.98 3.69
N TYR A 28 11.00 3.59 3.17
CA TYR A 28 10.91 5.04 3.13
C TYR A 28 10.35 5.59 4.44
N GLY A 29 9.92 4.69 5.32
CA GLY A 29 9.36 5.10 6.60
C GLY A 29 8.05 5.83 6.46
N VAL A 30 7.07 5.43 7.26
CA VAL A 30 5.74 6.05 7.23
C VAL A 30 5.85 7.57 7.18
N GLY A 31 4.80 8.22 6.70
CA GLY A 31 4.79 9.67 6.62
C GLY A 31 5.06 10.17 5.21
N HIS A 32 5.71 9.34 4.40
CA HIS A 32 6.03 9.70 3.03
C HIS A 32 4.95 9.20 2.07
N TRP A 33 3.70 9.53 2.37
CA TRP A 33 2.58 9.11 1.54
C TRP A 33 2.83 9.46 0.07
N GLU A 34 3.30 10.68 -0.17
CA GLU A 34 3.58 11.13 -1.52
C GLU A 34 4.74 10.35 -2.13
N ARG A 35 5.92 10.47 -1.52
CA ARG A 35 7.11 9.79 -2.00
C ARG A 35 6.81 8.32 -2.28
N ILE A 36 6.02 7.70 -1.40
CA ILE A 36 5.65 6.31 -1.54
C ILE A 36 4.60 6.12 -2.63
N ARG A 37 3.72 7.11 -2.77
CA ARG A 37 2.66 7.07 -3.76
C ARG A 37 3.24 6.77 -5.15
N SER A 38 4.47 7.22 -5.38
CA SER A 38 5.12 7.02 -6.67
C SER A 38 5.21 5.53 -7.00
N ALA A 39 5.07 4.69 -5.98
CA ALA A 39 5.12 3.25 -6.18
C ALA A 39 4.26 2.81 -7.35
N PHE A 40 2.99 3.19 -7.30
CA PHE A 40 2.06 2.83 -8.37
C PHE A 40 1.62 4.06 -9.15
N PRO A 41 1.22 3.87 -10.42
CA PRO A 41 0.77 4.95 -11.29
C PRO A 41 -0.57 5.52 -10.86
N PHE A 42 -0.55 6.37 -9.84
CA PHE A 42 -1.77 6.99 -9.34
C PHE A 42 -2.00 8.35 -9.99
N ALA A 43 -2.77 8.35 -11.08
CA ALA A 43 -3.07 9.59 -11.79
C ALA A 43 -4.36 10.22 -11.28
N GLY A 44 -4.82 9.75 -10.12
CA GLY A 44 -6.03 10.29 -9.54
C GLY A 44 -6.06 10.15 -8.03
N ARG A 45 -5.59 9.02 -7.53
CA ARG A 45 -5.56 8.77 -6.09
C ARG A 45 -4.61 9.72 -5.39
N THR A 46 -5.04 10.27 -4.26
CA THR A 46 -4.22 11.20 -3.49
C THR A 46 -3.42 10.47 -2.41
N ALA A 47 -2.57 11.21 -1.72
CA ALA A 47 -1.75 10.63 -0.66
C ALA A 47 -2.62 9.91 0.37
N VAL A 48 -3.87 10.35 0.50
CA VAL A 48 -4.80 9.75 1.45
C VAL A 48 -4.96 8.25 1.17
N ASN A 49 -4.89 7.88 -0.10
CA ASN A 49 -5.03 6.48 -0.49
C ASN A 49 -3.90 5.64 0.09
N LEU A 50 -2.75 6.27 0.33
CA LEU A 50 -1.59 5.58 0.88
C LEU A 50 -1.77 5.36 2.38
N LYS A 51 -2.05 6.44 3.10
CA LYS A 51 -2.24 6.37 4.55
C LYS A 51 -3.46 5.51 4.89
N ASP A 52 -4.46 5.53 4.02
CA ASP A 52 -5.67 4.75 4.22
C ASP A 52 -5.38 3.25 4.17
N ARG A 53 -4.71 2.82 3.10
CA ARG A 53 -4.38 1.42 2.93
C ARG A 53 -3.44 0.94 4.04
N TRP A 54 -2.59 1.84 4.51
CA TRP A 54 -1.64 1.52 5.58
C TRP A 54 -2.37 1.25 6.89
N ARG A 55 -3.31 2.14 7.23
CA ARG A 55 -4.07 1.99 8.45
C ARG A 55 -4.82 0.67 8.49
N THR A 56 -5.51 0.36 7.40
CA THR A 56 -6.27 -0.88 7.30
C THR A 56 -5.36 -2.10 7.44
N MET A 57 -4.30 -2.13 6.64
CA MET A 57 -3.35 -3.23 6.68
C MET A 57 -2.80 -3.44 8.09
N VAL A 58 -2.64 -2.33 8.81
CA VAL A 58 -2.13 -2.39 10.17
C VAL A 58 -3.08 -3.15 11.09
N LYS A 59 -4.37 -2.88 10.94
CA LYS A 59 -5.39 -3.54 11.76
C LYS A 59 -5.35 -5.05 11.56
N LEU A 60 -5.15 -5.48 10.32
CA LEU A 60 -5.09 -6.89 10.00
C LEU A 60 -3.64 -7.40 10.04
N LYS A 61 -2.78 -6.65 10.71
CA LYS A 61 -1.38 -7.02 10.83
C LYS A 61 -0.91 -7.79 9.60
N MET A 62 -1.19 -7.26 8.42
CA MET A 62 -0.80 -7.89 7.18
C MET A 62 0.38 -7.16 6.53
N VAL A 63 1.05 -6.31 7.32
CA VAL A 63 2.18 -5.55 6.83
C VAL A 63 3.44 -5.86 7.63
N SER A 1 9.37 -10.54 6.85
CA SER A 1 9.20 -10.32 5.41
C SER A 1 8.25 -11.34 4.82
N THR A 2 7.29 -11.78 5.62
CA THR A 2 6.30 -12.76 5.17
C THR A 2 4.95 -12.12 4.90
N ALA A 3 4.79 -11.59 3.69
CA ALA A 3 3.54 -10.93 3.31
C ALA A 3 2.53 -11.95 2.79
N PRO A 4 1.24 -11.57 2.79
CA PRO A 4 0.16 -12.43 2.32
C PRO A 4 0.19 -12.63 0.82
N ALA A 5 -0.79 -13.36 0.29
CA ALA A 5 -0.88 -13.62 -1.14
C ALA A 5 -2.32 -13.81 -1.58
N LYS A 6 -2.72 -13.09 -2.63
CA LYS A 6 -4.08 -13.19 -3.15
C LYS A 6 -4.47 -14.64 -3.41
N LYS A 7 -5.76 -14.89 -3.49
CA LYS A 7 -6.27 -16.24 -3.74
C LYS A 7 -7.06 -16.29 -5.05
N TYR A 8 -6.37 -16.12 -6.16
CA TYR A 8 -7.01 -16.15 -7.47
C TYR A 8 -8.14 -15.13 -7.54
N THR A 9 -7.96 -13.99 -6.88
CA THR A 9 -8.97 -12.94 -6.86
C THR A 9 -8.62 -11.82 -7.84
N ARG A 10 -9.62 -11.33 -8.56
CA ARG A 10 -9.41 -10.25 -9.52
C ARG A 10 -10.42 -9.13 -9.31
N LYS A 11 -9.99 -8.08 -8.62
CA LYS A 11 -10.85 -6.94 -8.34
C LYS A 11 -10.26 -5.66 -8.92
N MET A 12 -11.02 -4.57 -8.85
CA MET A 12 -10.57 -3.28 -9.36
C MET A 12 -9.23 -2.89 -8.74
N TRP A 13 -9.11 -3.10 -7.43
CA TRP A 13 -7.88 -2.77 -6.72
C TRP A 13 -6.79 -3.81 -6.99
N SER A 14 -5.60 -3.34 -7.33
CA SER A 14 -4.48 -4.22 -7.61
C SER A 14 -3.62 -4.43 -6.36
N VAL A 15 -3.32 -5.69 -6.07
CA VAL A 15 -2.52 -6.03 -4.91
C VAL A 15 -1.08 -5.54 -5.07
N GLN A 16 -0.65 -5.42 -6.32
CA GLN A 16 0.70 -4.95 -6.62
C GLN A 16 0.98 -3.62 -5.92
N GLU A 17 0.08 -2.66 -6.09
CA GLU A 17 0.23 -1.35 -5.48
C GLU A 17 0.48 -1.47 -3.98
N SER A 18 -0.25 -2.37 -3.34
CA SER A 18 -0.12 -2.59 -1.90
C SER A 18 1.28 -3.09 -1.56
N GLU A 19 1.78 -4.03 -2.34
CA GLU A 19 3.10 -4.59 -2.11
C GLU A 19 4.16 -3.49 -2.02
N TRP A 20 4.12 -2.57 -2.97
CA TRP A 20 5.08 -1.46 -2.99
C TRP A 20 4.83 -0.51 -1.81
N LEU A 21 3.59 -0.43 -1.38
CA LEU A 21 3.23 0.43 -0.25
C LEU A 21 3.81 -0.11 1.05
N LYS A 22 3.58 -1.39 1.31
CA LYS A 22 4.08 -2.02 2.52
C LYS A 22 5.59 -1.88 2.63
N GLN A 23 6.30 -2.38 1.63
CA GLN A 23 7.76 -2.31 1.60
C GLN A 23 8.22 -0.86 1.52
N GLY A 24 7.48 -0.03 0.80
CA GLY A 24 7.84 1.37 0.65
C GLY A 24 7.83 2.10 1.97
N VAL A 25 6.85 1.80 2.82
CA VAL A 25 6.72 2.44 4.12
C VAL A 25 7.76 1.89 5.10
N VAL A 26 8.16 0.65 4.89
CA VAL A 26 9.15 0.01 5.75
C VAL A 26 10.55 0.51 5.44
N ARG A 27 10.79 0.84 4.18
CA ARG A 27 12.09 1.33 3.75
C ARG A 27 12.14 2.86 3.79
N TYR A 28 11.10 3.50 3.28
CA TYR A 28 11.01 4.95 3.26
C TYR A 28 10.45 5.48 4.58
N GLY A 29 10.01 4.57 5.44
CA GLY A 29 9.45 4.96 6.72
C GLY A 29 8.13 5.70 6.58
N VAL A 30 7.13 5.27 7.36
CA VAL A 30 5.82 5.90 7.30
C VAL A 30 5.92 7.42 7.31
N GLY A 31 4.87 8.08 6.84
CA GLY A 31 4.87 9.53 6.80
C GLY A 31 5.15 10.08 5.42
N HIS A 32 5.80 9.26 4.58
CA HIS A 32 6.13 9.67 3.22
C HIS A 32 5.06 9.19 2.24
N TRP A 33 3.79 9.49 2.55
CA TRP A 33 2.69 9.09 1.69
C TRP A 33 2.94 9.49 0.25
N GLU A 34 3.47 10.69 0.05
CA GLU A 34 3.77 11.19 -1.29
C GLU A 34 4.92 10.42 -1.91
N ARG A 35 6.09 10.51 -1.29
CA ARG A 35 7.28 9.81 -1.79
C ARG A 35 6.96 8.36 -2.10
N ILE A 36 6.16 7.73 -1.25
CA ILE A 36 5.78 6.34 -1.43
C ILE A 36 4.71 6.19 -2.51
N ARG A 37 3.84 7.20 -2.61
CA ARG A 37 2.76 7.19 -3.59
C ARG A 37 3.32 6.97 -5.00
N SER A 38 4.53 7.46 -5.24
CA SER A 38 5.17 7.32 -6.53
C SER A 38 5.45 5.86 -6.86
N ALA A 39 5.34 5.00 -5.84
CA ALA A 39 5.58 3.57 -6.02
C ALA A 39 4.84 3.04 -7.24
N PHE A 40 3.54 3.27 -7.29
CA PHE A 40 2.71 2.82 -8.40
C PHE A 40 2.04 4.00 -9.11
N PRO A 41 1.65 3.78 -10.37
CA PRO A 41 0.99 4.82 -11.18
C PRO A 41 -0.41 5.14 -10.68
N PHE A 42 -0.56 6.25 -9.99
CA PHE A 42 -1.86 6.67 -9.45
C PHE A 42 -2.80 7.07 -10.58
N ALA A 43 -4.06 6.64 -10.48
CA ALA A 43 -5.06 6.96 -11.48
C ALA A 43 -6.07 7.97 -10.95
N GLY A 44 -5.60 8.88 -10.11
CA GLY A 44 -6.48 9.89 -9.54
C GLY A 44 -6.60 9.77 -8.04
N ARG A 45 -5.63 9.13 -7.42
CA ARG A 45 -5.63 8.95 -5.97
C ARG A 45 -4.64 9.90 -5.30
N THR A 46 -5.03 10.44 -4.16
CA THR A 46 -4.18 11.36 -3.42
C THR A 46 -3.37 10.64 -2.35
N ALA A 47 -2.49 11.38 -1.68
CA ALA A 47 -1.66 10.79 -0.63
C ALA A 47 -2.50 10.03 0.38
N VAL A 48 -3.75 10.44 0.54
CA VAL A 48 -4.65 9.79 1.49
C VAL A 48 -4.81 8.31 1.16
N ASN A 49 -4.75 7.99 -0.14
CA ASN A 49 -4.88 6.60 -0.58
C ASN A 49 -3.78 5.73 0.02
N LEU A 50 -2.62 6.33 0.27
CA LEU A 50 -1.49 5.60 0.84
C LEU A 50 -1.68 5.41 2.34
N LYS A 51 -1.95 6.50 3.05
CA LYS A 51 -2.16 6.46 4.49
C LYS A 51 -3.40 5.65 4.83
N ASP A 52 -4.34 5.57 3.89
CA ASP A 52 -5.58 4.84 4.09
C ASP A 52 -5.33 3.34 4.06
N ARG A 53 -4.71 2.87 2.97
CA ARG A 53 -4.41 1.45 2.82
C ARG A 53 -3.49 0.96 3.93
N TRP A 54 -2.48 1.76 4.24
CA TRP A 54 -1.52 1.41 5.29
C TRP A 54 -2.22 1.20 6.62
N ARG A 55 -3.11 2.12 6.96
CA ARG A 55 -3.85 2.04 8.21
C ARG A 55 -4.67 0.77 8.28
N THR A 56 -5.42 0.50 7.21
CA THR A 56 -6.26 -0.69 7.14
C THR A 56 -5.43 -1.96 7.28
N MET A 57 -4.38 -2.08 6.47
CA MET A 57 -3.50 -3.24 6.50
C MET A 57 -2.94 -3.45 7.91
N VAL A 58 -2.70 -2.36 8.61
CA VAL A 58 -2.16 -2.43 9.97
C VAL A 58 -3.16 -3.09 10.92
N LYS A 59 -4.43 -2.77 10.75
CA LYS A 59 -5.49 -3.35 11.59
C LYS A 59 -5.56 -4.86 11.40
N LEU A 60 -5.41 -5.31 10.17
CA LEU A 60 -5.45 -6.73 9.86
C LEU A 60 -4.06 -7.35 9.89
N LYS A 61 -3.12 -6.65 10.53
CA LYS A 61 -1.75 -7.13 10.64
C LYS A 61 -1.36 -7.96 9.42
N MET A 62 -1.65 -7.42 8.22
CA MET A 62 -1.34 -8.12 6.99
C MET A 62 -0.04 -7.57 6.37
N VAL A 63 0.28 -6.33 6.70
CA VAL A 63 1.48 -5.69 6.18
C VAL A 63 2.74 -6.25 6.87
N SER A 1 8.87 -9.99 -1.51
CA SER A 1 7.89 -9.36 -0.63
C SER A 1 7.43 -10.31 0.46
N THR A 2 7.06 -11.52 0.06
CA THR A 2 6.61 -12.54 1.01
C THR A 2 5.53 -11.98 1.93
N ALA A 3 4.66 -11.14 1.38
CA ALA A 3 3.59 -10.53 2.15
C ALA A 3 2.56 -11.58 2.57
N PRO A 4 1.77 -11.25 3.60
CA PRO A 4 0.73 -12.15 4.12
C PRO A 4 -0.43 -12.32 3.15
N ALA A 5 -0.93 -11.19 2.64
CA ALA A 5 -2.04 -11.21 1.69
C ALA A 5 -1.55 -11.44 0.26
N LYS A 6 -2.41 -12.00 -0.57
CA LYS A 6 -2.07 -12.28 -1.96
C LYS A 6 -3.10 -11.68 -2.90
N LYS A 7 -4.38 -11.77 -2.52
CA LYS A 7 -5.46 -11.23 -3.33
C LYS A 7 -6.51 -10.56 -2.46
N TYR A 8 -7.38 -9.76 -3.08
CA TYR A 8 -8.43 -9.06 -2.35
C TYR A 8 -9.44 -8.44 -3.32
N THR A 9 -10.54 -7.94 -2.78
CA THR A 9 -11.58 -7.31 -3.58
C THR A 9 -11.37 -5.81 -3.68
N ARG A 10 -11.58 -5.27 -4.88
CA ARG A 10 -11.42 -3.84 -5.10
C ARG A 10 -11.89 -3.45 -6.50
N LYS A 11 -11.89 -2.15 -6.78
CA LYS A 11 -12.32 -1.65 -8.09
C LYS A 11 -11.25 -1.89 -9.14
N MET A 12 -11.15 -3.13 -9.60
CA MET A 12 -10.17 -3.49 -10.62
C MET A 12 -8.77 -3.04 -10.21
N TRP A 13 -8.52 -3.01 -8.91
CA TRP A 13 -7.22 -2.59 -8.39
C TRP A 13 -6.22 -3.74 -8.45
N SER A 14 -4.98 -3.41 -8.78
CA SER A 14 -3.92 -4.41 -8.88
C SER A 14 -3.19 -4.57 -7.56
N VAL A 15 -3.08 -5.81 -7.10
CA VAL A 15 -2.40 -6.10 -5.84
C VAL A 15 -0.97 -5.57 -5.84
N GLN A 16 -0.40 -5.43 -7.04
CA GLN A 16 0.96 -4.93 -7.18
C GLN A 16 1.13 -3.60 -6.46
N GLU A 17 0.20 -2.66 -6.72
CA GLU A 17 0.25 -1.36 -6.09
C GLU A 17 0.37 -1.47 -4.58
N SER A 18 -0.46 -2.32 -3.99
CA SER A 18 -0.45 -2.53 -2.54
C SER A 18 0.92 -3.03 -2.08
N GLU A 19 1.46 -4.00 -2.81
CA GLU A 19 2.76 -4.57 -2.47
C GLU A 19 3.81 -3.47 -2.28
N TRP A 20 3.86 -2.54 -3.24
CA TRP A 20 4.81 -1.44 -3.19
C TRP A 20 4.52 -0.53 -2.01
N LEU A 21 3.25 -0.45 -1.63
CA LEU A 21 2.84 0.40 -0.50
C LEU A 21 3.38 -0.15 0.82
N LYS A 22 3.16 -1.45 1.04
CA LYS A 22 3.62 -2.10 2.26
C LYS A 22 5.13 -1.96 2.42
N GLN A 23 5.87 -2.48 1.44
CA GLN A 23 7.32 -2.40 1.47
C GLN A 23 7.80 -0.95 1.46
N GLY A 24 7.12 -0.12 0.68
CA GLY A 24 7.48 1.29 0.61
C GLY A 24 7.45 1.98 1.95
N VAL A 25 6.41 1.70 2.74
CA VAL A 25 6.27 2.30 4.06
C VAL A 25 7.23 1.66 5.05
N VAL A 26 7.57 0.40 4.81
CA VAL A 26 8.48 -0.33 5.69
C VAL A 26 9.93 0.10 5.46
N ARG A 27 10.24 0.46 4.22
CA ARG A 27 11.59 0.89 3.87
C ARG A 27 11.73 2.41 4.00
N TYR A 28 10.72 3.13 3.54
CA TYR A 28 10.72 4.59 3.61
C TYR A 28 10.24 5.08 4.97
N GLY A 29 9.20 4.42 5.49
CA GLY A 29 8.67 4.80 6.78
C GLY A 29 7.40 5.63 6.66
N VAL A 30 6.39 5.28 7.45
CA VAL A 30 5.13 6.00 7.42
C VAL A 30 5.35 7.51 7.41
N GLY A 31 4.37 8.24 6.89
CA GLY A 31 4.48 9.69 6.83
C GLY A 31 4.86 10.18 5.45
N HIS A 32 5.49 9.32 4.66
CA HIS A 32 5.92 9.67 3.32
C HIS A 32 4.89 9.21 2.28
N TRP A 33 3.62 9.51 2.55
CA TRP A 33 2.55 9.11 1.64
C TRP A 33 2.86 9.53 0.21
N GLU A 34 3.40 10.73 0.05
CA GLU A 34 3.75 11.24 -1.27
C GLU A 34 4.92 10.47 -1.87
N ARG A 35 6.07 10.56 -1.21
CA ARG A 35 7.27 9.87 -1.68
C ARG A 35 6.95 8.41 -2.01
N ILE A 36 6.12 7.80 -1.18
CA ILE A 36 5.75 6.40 -1.38
C ILE A 36 4.72 6.25 -2.50
N ARG A 37 3.86 7.26 -2.64
CA ARG A 37 2.84 7.25 -3.67
C ARG A 37 3.46 7.04 -5.06
N SER A 38 4.70 7.50 -5.21
CA SER A 38 5.40 7.37 -6.49
C SER A 38 5.63 5.90 -6.82
N ALA A 39 5.44 5.03 -5.84
CA ALA A 39 5.62 3.59 -6.04
C ALA A 39 4.94 3.13 -7.32
N PHE A 40 3.65 3.44 -7.44
CA PHE A 40 2.88 3.04 -8.61
C PHE A 40 2.37 4.28 -9.37
N PRO A 41 2.06 4.09 -10.66
CA PRO A 41 1.56 5.18 -11.51
C PRO A 41 0.15 5.60 -11.14
N PHE A 42 0.03 6.39 -10.08
CA PHE A 42 -1.26 6.88 -9.62
C PHE A 42 -2.04 7.52 -10.76
N ALA A 43 -3.33 7.19 -10.84
CA ALA A 43 -4.19 7.73 -11.89
C ALA A 43 -5.43 8.40 -11.30
N GLY A 44 -5.31 8.83 -10.04
CA GLY A 44 -6.44 9.48 -9.38
C GLY A 44 -6.36 9.35 -7.87
N ARG A 45 -5.58 8.40 -7.40
CA ARG A 45 -5.43 8.17 -5.96
C ARG A 45 -4.49 9.21 -5.35
N THR A 46 -4.93 9.84 -4.28
CA THR A 46 -4.13 10.86 -3.60
C THR A 46 -3.34 10.26 -2.44
N ALA A 47 -2.51 11.07 -1.81
CA ALA A 47 -1.70 10.62 -0.69
C ALA A 47 -2.56 9.92 0.36
N VAL A 48 -3.81 10.32 0.45
CA VAL A 48 -4.75 9.72 1.41
C VAL A 48 -4.88 8.23 1.19
N ASN A 49 -4.81 7.81 -0.08
CA ASN A 49 -4.93 6.40 -0.42
C ASN A 49 -3.76 5.60 0.15
N LEU A 50 -2.61 6.26 0.30
CA LEU A 50 -1.43 5.61 0.84
C LEU A 50 -1.55 5.39 2.34
N LYS A 51 -1.92 6.45 3.06
CA LYS A 51 -2.09 6.38 4.51
C LYS A 51 -3.31 5.54 4.87
N ASP A 52 -4.34 5.62 4.04
CA ASP A 52 -5.58 4.87 4.28
C ASP A 52 -5.30 3.36 4.30
N ARG A 53 -4.73 2.86 3.22
CA ARG A 53 -4.42 1.44 3.10
C ARG A 53 -3.46 1.01 4.20
N TRP A 54 -2.53 1.89 4.55
CA TRP A 54 -1.56 1.60 5.61
C TRP A 54 -2.24 1.42 6.96
N ARG A 55 -3.14 2.35 7.29
CA ARG A 55 -3.86 2.28 8.55
C ARG A 55 -4.53 0.92 8.73
N THR A 56 -5.31 0.53 7.73
CA THR A 56 -6.02 -0.75 7.78
C THR A 56 -5.04 -1.91 7.95
N MET A 57 -4.03 -1.96 7.08
CA MET A 57 -3.03 -3.01 7.13
C MET A 57 -2.37 -3.08 8.51
N VAL A 58 -2.14 -1.92 9.11
CA VAL A 58 -1.53 -1.84 10.42
C VAL A 58 -2.36 -2.59 11.46
N LYS A 59 -3.68 -2.43 11.38
CA LYS A 59 -4.59 -3.10 12.31
C LYS A 59 -4.49 -4.62 12.18
N LEU A 60 -4.34 -5.09 10.94
CA LEU A 60 -4.23 -6.52 10.69
C LEU A 60 -2.77 -6.96 10.65
N LYS A 61 -1.90 -6.13 11.23
CA LYS A 61 -0.47 -6.44 11.27
C LYS A 61 -0.05 -7.23 10.02
N MET A 62 -0.47 -6.76 8.86
CA MET A 62 -0.13 -7.42 7.61
C MET A 62 1.14 -6.82 7.00
N VAL A 63 1.43 -5.57 7.35
CA VAL A 63 2.62 -4.90 6.85
C VAL A 63 3.73 -4.91 7.88
N SER A 1 8.52 -7.89 2.96
CA SER A 1 9.33 -9.03 3.39
C SER A 1 8.46 -10.24 3.69
N THR A 2 8.36 -11.15 2.72
CA THR A 2 7.56 -12.35 2.89
C THR A 2 6.15 -12.01 3.38
N ALA A 3 5.59 -10.94 2.85
CA ALA A 3 4.25 -10.50 3.23
C ALA A 3 3.21 -11.57 2.89
N PRO A 4 2.04 -11.49 3.54
CA PRO A 4 0.95 -12.43 3.32
C PRO A 4 0.31 -12.26 1.94
N ALA A 5 0.51 -11.09 1.34
CA ALA A 5 -0.05 -10.80 0.03
C ALA A 5 0.81 -11.39 -1.07
N LYS A 6 0.48 -12.60 -1.51
CA LYS A 6 1.23 -13.28 -2.55
C LYS A 6 0.29 -13.75 -3.67
N LYS A 7 -0.89 -14.24 -3.28
CA LYS A 7 -1.86 -14.72 -4.25
C LYS A 7 -2.14 -13.67 -5.31
N TYR A 8 -2.50 -14.12 -6.51
CA TYR A 8 -2.78 -13.21 -7.62
C TYR A 8 -3.97 -12.31 -7.29
N THR A 9 -4.25 -11.36 -8.18
CA THR A 9 -5.35 -10.42 -7.97
C THR A 9 -6.44 -10.66 -9.00
N ARG A 10 -7.67 -10.80 -8.53
CA ARG A 10 -8.83 -11.02 -9.40
C ARG A 10 -9.72 -9.80 -9.45
N LYS A 11 -9.83 -9.11 -8.32
CA LYS A 11 -10.67 -7.91 -8.23
C LYS A 11 -10.11 -6.80 -9.11
N MET A 12 -10.75 -5.64 -9.05
CA MET A 12 -10.31 -4.49 -9.84
C MET A 12 -8.99 -3.93 -9.31
N TRP A 13 -8.87 -3.84 -8.00
CA TRP A 13 -7.66 -3.32 -7.37
C TRP A 13 -6.49 -4.27 -7.58
N SER A 14 -5.32 -3.72 -7.84
CA SER A 14 -4.13 -4.53 -8.06
C SER A 14 -3.31 -4.66 -6.78
N VAL A 15 -2.98 -5.90 -6.42
CA VAL A 15 -2.20 -6.16 -5.22
C VAL A 15 -0.80 -5.56 -5.32
N GLN A 16 -0.32 -5.40 -6.55
CA GLN A 16 1.01 -4.84 -6.79
C GLN A 16 1.17 -3.51 -6.09
N GLU A 17 0.23 -2.59 -6.34
CA GLU A 17 0.27 -1.27 -5.73
C GLU A 17 0.34 -1.37 -4.21
N SER A 18 -0.59 -2.11 -3.63
CA SER A 18 -0.64 -2.29 -2.19
C SER A 18 0.66 -2.91 -1.67
N GLU A 19 1.26 -3.77 -2.49
CA GLU A 19 2.51 -4.43 -2.11
C GLU A 19 3.65 -3.43 -2.03
N TRP A 20 3.69 -2.50 -2.97
CA TRP A 20 4.74 -1.48 -3.01
C TRP A 20 4.61 -0.54 -1.81
N LEU A 21 3.39 -0.36 -1.34
CA LEU A 21 3.14 0.51 -0.19
C LEU A 21 3.70 -0.09 1.09
N LYS A 22 3.41 -1.37 1.31
CA LYS A 22 3.88 -2.07 2.50
C LYS A 22 5.41 -1.99 2.61
N GLN A 23 6.09 -2.43 1.56
CA GLN A 23 7.54 -2.41 1.53
C GLN A 23 8.07 -0.98 1.48
N GLY A 24 7.39 -0.13 0.73
CA GLY A 24 7.81 1.27 0.62
C GLY A 24 7.73 1.99 1.94
N VAL A 25 6.71 1.69 2.73
CA VAL A 25 6.54 2.32 4.04
C VAL A 25 7.53 1.77 5.06
N VAL A 26 7.92 0.51 4.87
CA VAL A 26 8.86 -0.14 5.77
C VAL A 26 10.29 0.34 5.49
N ARG A 27 10.59 0.62 4.23
CA ARG A 27 11.92 1.08 3.84
C ARG A 27 12.01 2.60 3.92
N TYR A 28 10.98 3.28 3.43
CA TYR A 28 10.96 4.74 3.45
C TYR A 28 10.49 5.26 4.80
N GLY A 29 9.51 4.58 5.38
CA GLY A 29 8.99 4.97 6.68
C GLY A 29 7.68 5.72 6.56
N VAL A 30 6.71 5.36 7.41
CA VAL A 30 5.41 6.00 7.40
C VAL A 30 5.54 7.52 7.34
N GLY A 31 4.50 8.18 6.84
CA GLY A 31 4.53 9.63 6.73
C GLY A 31 4.85 10.11 5.33
N HIS A 32 5.52 9.26 4.56
CA HIS A 32 5.89 9.61 3.19
C HIS A 32 4.84 9.12 2.20
N TRP A 33 3.59 9.47 2.46
CA TRP A 33 2.48 9.06 1.59
C TRP A 33 2.78 9.42 0.14
N GLU A 34 3.28 10.63 -0.08
CA GLU A 34 3.60 11.10 -1.43
C GLU A 34 4.79 10.35 -1.99
N ARG A 35 5.93 10.48 -1.32
CA ARG A 35 7.16 9.83 -1.76
C ARG A 35 6.89 8.35 -2.08
N ILE A 36 6.09 7.70 -1.24
CA ILE A 36 5.76 6.29 -1.44
C ILE A 36 4.71 6.13 -2.54
N ARG A 37 3.80 7.09 -2.63
CA ARG A 37 2.75 7.06 -3.63
C ARG A 37 3.33 6.88 -5.03
N SER A 38 4.57 7.33 -5.21
CA SER A 38 5.24 7.24 -6.51
C SER A 38 5.43 5.77 -6.91
N ALA A 39 5.27 4.87 -5.94
CA ALA A 39 5.41 3.45 -6.19
C ALA A 39 4.59 3.01 -7.40
N PHE A 40 3.31 3.35 -7.40
CA PHE A 40 2.42 2.99 -8.48
C PHE A 40 2.07 4.22 -9.33
N PRO A 41 1.70 3.98 -10.59
CA PRO A 41 1.33 5.05 -11.52
C PRO A 41 0.01 5.72 -11.15
N PHE A 42 0.04 6.58 -10.14
CA PHE A 42 -1.15 7.28 -9.67
C PHE A 42 -1.86 7.95 -10.84
N ALA A 43 -3.18 7.79 -10.90
CA ALA A 43 -3.98 8.39 -11.96
C ALA A 43 -5.11 9.25 -11.39
N GLY A 44 -5.67 8.82 -10.27
CA GLY A 44 -6.75 9.55 -9.64
C GLY A 44 -6.81 9.32 -8.15
N ARG A 45 -5.72 8.82 -7.58
CA ARG A 45 -5.65 8.55 -6.14
C ARG A 45 -4.72 9.55 -5.45
N THR A 46 -5.15 10.04 -4.29
CA THR A 46 -4.36 11.00 -3.54
C THR A 46 -3.50 10.29 -2.48
N ALA A 47 -2.65 11.05 -1.80
CA ALA A 47 -1.79 10.50 -0.77
C ALA A 47 -2.59 9.72 0.27
N VAL A 48 -3.85 10.12 0.45
CA VAL A 48 -4.73 9.46 1.41
C VAL A 48 -4.84 7.97 1.13
N ASN A 49 -4.77 7.61 -0.15
CA ASN A 49 -4.85 6.21 -0.57
C ASN A 49 -3.72 5.39 0.06
N LEU A 50 -2.57 6.02 0.24
CA LEU A 50 -1.42 5.35 0.83
C LEU A 50 -1.56 5.24 2.34
N LYS A 51 -1.79 6.37 3.00
CA LYS A 51 -1.95 6.39 4.45
C LYS A 51 -3.14 5.54 4.87
N ASP A 52 -4.15 5.47 4.01
CA ASP A 52 -5.35 4.68 4.30
C ASP A 52 -5.03 3.19 4.32
N ARG A 53 -4.46 2.70 3.22
CA ARG A 53 -4.10 1.29 3.11
C ARG A 53 -3.17 0.88 4.24
N TRP A 54 -2.28 1.78 4.63
CA TRP A 54 -1.32 1.51 5.69
C TRP A 54 -2.04 1.32 7.02
N ARG A 55 -2.88 2.28 7.38
CA ARG A 55 -3.63 2.22 8.63
C ARG A 55 -4.44 0.94 8.72
N THR A 56 -5.24 0.68 7.69
CA THR A 56 -6.08 -0.52 7.65
C THR A 56 -5.22 -1.78 7.73
N MET A 57 -4.22 -1.87 6.87
CA MET A 57 -3.33 -3.03 6.85
C MET A 57 -2.71 -3.26 8.22
N VAL A 58 -2.41 -2.18 8.92
CA VAL A 58 -1.80 -2.26 10.25
C VAL A 58 -2.74 -2.97 11.23
N LYS A 59 -4.03 -2.65 11.13
CA LYS A 59 -5.02 -3.26 12.00
C LYS A 59 -5.11 -4.76 11.79
N LEU A 60 -5.00 -5.18 10.53
CA LEU A 60 -5.05 -6.60 10.19
C LEU A 60 -3.65 -7.20 10.14
N LYS A 61 -2.69 -6.51 10.74
CA LYS A 61 -1.31 -6.98 10.77
C LYS A 61 -0.98 -7.76 9.51
N MET A 62 -1.33 -7.19 8.36
CA MET A 62 -1.06 -7.83 7.07
C MET A 62 0.13 -7.18 6.37
N VAL A 63 0.87 -6.36 7.11
CA VAL A 63 2.03 -5.66 6.56
C VAL A 63 3.25 -5.86 7.45
N SER A 1 9.53 -11.60 11.16
CA SER A 1 8.18 -11.42 10.63
C SER A 1 8.17 -11.55 9.11
N THR A 2 6.98 -11.50 8.52
CA THR A 2 6.84 -11.61 7.08
C THR A 2 5.44 -11.19 6.64
N ALA A 3 5.35 -10.58 5.46
CA ALA A 3 4.07 -10.14 4.92
C ALA A 3 3.35 -11.28 4.20
N PRO A 4 2.03 -11.13 4.04
CA PRO A 4 1.20 -12.14 3.37
C PRO A 4 1.48 -12.23 1.88
N ALA A 5 2.02 -13.36 1.45
CA ALA A 5 2.34 -13.57 0.03
C ALA A 5 1.33 -14.50 -0.62
N LYS A 6 1.06 -15.62 0.04
CA LYS A 6 0.11 -16.61 -0.49
C LYS A 6 -1.30 -16.02 -0.54
N LYS A 7 -1.59 -15.09 0.37
CA LYS A 7 -2.90 -14.46 0.42
C LYS A 7 -3.09 -13.50 -0.76
N TYR A 8 -4.18 -13.69 -1.50
CA TYR A 8 -4.47 -12.85 -2.65
C TYR A 8 -5.97 -12.61 -2.77
N THR A 9 -6.34 -11.43 -3.28
CA THR A 9 -7.73 -11.06 -3.46
C THR A 9 -8.04 -10.79 -4.93
N ARG A 10 -9.20 -11.28 -5.37
CA ARG A 10 -9.62 -11.09 -6.76
C ARG A 10 -10.66 -9.98 -6.86
N LYS A 11 -10.18 -8.74 -7.02
CA LYS A 11 -11.06 -7.58 -7.12
C LYS A 11 -10.45 -6.51 -8.01
N MET A 12 -11.20 -5.44 -8.25
CA MET A 12 -10.73 -4.35 -9.08
C MET A 12 -9.42 -3.78 -8.55
N TRP A 13 -9.19 -3.96 -7.25
CA TRP A 13 -7.97 -3.46 -6.61
C TRP A 13 -6.82 -4.43 -6.83
N SER A 14 -5.70 -3.92 -7.33
CA SER A 14 -4.53 -4.74 -7.60
C SER A 14 -3.67 -4.88 -6.33
N VAL A 15 -3.38 -6.12 -5.95
CA VAL A 15 -2.57 -6.39 -4.77
C VAL A 15 -1.16 -5.82 -4.94
N GLN A 16 -0.73 -5.68 -6.19
CA GLN A 16 0.60 -5.16 -6.47
C GLN A 16 0.84 -3.83 -5.76
N GLU A 17 -0.17 -2.96 -5.82
CA GLU A 17 -0.07 -1.65 -5.19
C GLU A 17 0.25 -1.79 -3.70
N SER A 18 -0.25 -2.87 -3.09
CA SER A 18 -0.02 -3.11 -1.67
C SER A 18 1.42 -3.53 -1.42
N GLU A 19 1.97 -4.32 -2.33
CA GLU A 19 3.35 -4.80 -2.21
C GLU A 19 4.32 -3.62 -2.16
N TRP A 20 4.15 -2.69 -3.08
CA TRP A 20 5.01 -1.51 -3.15
C TRP A 20 4.81 -0.61 -1.95
N LEU A 21 3.57 -0.56 -1.46
CA LEU A 21 3.24 0.27 -0.30
C LEU A 21 3.86 -0.29 0.98
N LYS A 22 3.67 -1.59 1.20
CA LYS A 22 4.22 -2.25 2.37
C LYS A 22 5.72 -2.00 2.49
N GLN A 23 6.47 -2.42 1.48
CA GLN A 23 7.91 -2.24 1.48
C GLN A 23 8.27 -0.76 1.40
N GLY A 24 7.50 -0.01 0.63
CA GLY A 24 7.75 1.41 0.48
C GLY A 24 7.73 2.15 1.81
N VAL A 25 6.76 1.80 2.66
CA VAL A 25 6.62 2.43 3.96
C VAL A 25 7.69 1.92 4.93
N VAL A 26 8.13 0.68 4.71
CA VAL A 26 9.15 0.07 5.57
C VAL A 26 10.53 0.63 5.25
N ARG A 27 10.75 0.98 4.00
CA ARG A 27 12.03 1.53 3.57
C ARG A 27 12.02 3.06 3.63
N TYR A 28 10.94 3.66 3.13
CA TYR A 28 10.80 5.11 3.12
C TYR A 28 10.22 5.61 4.44
N GLY A 29 9.83 4.67 5.30
CA GLY A 29 9.26 5.03 6.58
C GLY A 29 7.92 5.73 6.45
N VAL A 30 6.94 5.27 7.23
CA VAL A 30 5.60 5.85 7.20
C VAL A 30 5.67 7.37 7.20
N GLY A 31 4.59 8.01 6.74
CA GLY A 31 4.55 9.46 6.72
C GLY A 31 4.81 10.02 5.33
N HIS A 32 5.50 9.24 4.50
CA HIS A 32 5.83 9.66 3.14
C HIS A 32 4.80 9.13 2.15
N TRP A 33 3.53 9.33 2.45
CA TRP A 33 2.45 8.87 1.58
C TRP A 33 2.68 9.31 0.14
N GLU A 34 3.19 10.52 -0.02
CA GLU A 34 3.46 11.07 -1.35
C GLU A 34 4.61 10.33 -2.02
N ARG A 35 5.80 10.43 -1.43
CA ARG A 35 6.99 9.77 -1.97
C ARG A 35 6.70 8.30 -2.27
N ILE A 36 5.91 7.67 -1.41
CA ILE A 36 5.56 6.27 -1.59
C ILE A 36 4.49 6.10 -2.66
N ARG A 37 3.60 7.08 -2.76
CA ARG A 37 2.53 7.04 -3.74
C ARG A 37 3.09 6.84 -5.15
N SER A 38 4.28 7.37 -5.39
CA SER A 38 4.93 7.26 -6.68
C SER A 38 5.23 5.81 -7.02
N ALA A 39 5.14 4.94 -6.00
CA ALA A 39 5.41 3.52 -6.19
C ALA A 39 4.69 2.97 -7.42
N PHE A 40 3.38 3.19 -7.46
CA PHE A 40 2.56 2.73 -8.59
C PHE A 40 2.05 3.90 -9.41
N PRO A 41 1.73 3.63 -10.69
CA PRO A 41 1.22 4.65 -11.61
C PRO A 41 -0.18 5.10 -11.26
N PHE A 42 -0.28 6.26 -10.60
CA PHE A 42 -1.57 6.80 -10.20
C PHE A 42 -1.52 8.33 -10.12
N ALA A 43 -2.33 8.99 -10.95
CA ALA A 43 -2.38 10.44 -10.98
C ALA A 43 -3.64 10.96 -10.30
N GLY A 44 -4.66 10.12 -10.26
CA GLY A 44 -5.93 10.52 -9.64
C GLY A 44 -5.92 10.28 -8.14
N ARG A 45 -5.60 9.05 -7.74
CA ARG A 45 -5.57 8.70 -6.32
C ARG A 45 -4.72 9.70 -5.53
N THR A 46 -5.23 10.11 -4.37
CA THR A 46 -4.52 11.06 -3.53
C THR A 46 -3.69 10.34 -2.46
N ALA A 47 -2.84 11.09 -1.77
CA ALA A 47 -2.00 10.52 -0.73
C ALA A 47 -2.81 9.74 0.29
N VAL A 48 -4.08 10.13 0.44
CA VAL A 48 -4.97 9.46 1.39
C VAL A 48 -5.06 7.97 1.08
N ASN A 49 -4.97 7.62 -0.19
CA ASN A 49 -5.05 6.23 -0.62
C ASN A 49 -3.93 5.41 0.02
N LEU A 50 -2.78 6.04 0.22
CA LEU A 50 -1.63 5.38 0.82
C LEU A 50 -1.82 5.22 2.32
N LYS A 51 -2.07 6.33 3.00
CA LYS A 51 -2.27 6.32 4.45
C LYS A 51 -3.47 5.45 4.82
N ASP A 52 -4.45 5.39 3.94
CA ASP A 52 -5.65 4.58 4.18
C ASP A 52 -5.32 3.10 4.20
N ARG A 53 -4.77 2.60 3.10
CA ARG A 53 -4.40 1.19 3.00
C ARG A 53 -3.47 0.78 4.14
N TRP A 54 -2.68 1.74 4.61
CA TRP A 54 -1.75 1.48 5.70
C TRP A 54 -2.49 1.29 7.02
N ARG A 55 -3.36 2.23 7.35
CA ARG A 55 -4.14 2.16 8.59
C ARG A 55 -4.84 0.82 8.70
N THR A 56 -5.63 0.48 7.68
CA THR A 56 -6.36 -0.78 7.67
C THR A 56 -5.43 -1.97 7.83
N MET A 57 -4.40 -2.02 6.99
CA MET A 57 -3.43 -3.11 7.04
C MET A 57 -2.82 -3.24 8.42
N VAL A 58 -2.53 -2.10 9.06
CA VAL A 58 -1.96 -2.08 10.39
C VAL A 58 -2.83 -2.85 11.38
N LYS A 59 -4.14 -2.66 11.28
CA LYS A 59 -5.08 -3.34 12.15
C LYS A 59 -5.01 -4.85 11.97
N LEU A 60 -4.84 -5.28 10.72
CA LEU A 60 -4.76 -6.71 10.40
C LEU A 60 -3.31 -7.17 10.39
N LYS A 61 -2.44 -6.40 11.02
CA LYS A 61 -1.02 -6.74 11.07
C LYS A 61 -0.58 -7.48 9.82
N MET A 62 -0.95 -6.93 8.66
CA MET A 62 -0.59 -7.54 7.38
C MET A 62 0.73 -6.98 6.87
N VAL A 63 0.97 -5.71 7.14
CA VAL A 63 2.21 -5.05 6.71
C VAL A 63 3.33 -5.30 7.70
N SER A 1 7.74 -15.91 4.52
CA SER A 1 6.42 -15.45 4.94
C SER A 1 5.61 -14.96 3.75
N THR A 2 4.29 -15.07 3.85
CA THR A 2 3.40 -14.64 2.78
C THR A 2 2.92 -13.21 3.02
N ALA A 3 2.47 -12.55 1.95
CA ALA A 3 1.97 -11.18 2.04
C ALA A 3 0.45 -11.15 2.00
N PRO A 4 -0.13 -10.05 2.49
CA PRO A 4 -1.59 -9.86 2.52
C PRO A 4 -2.18 -9.68 1.11
N ALA A 5 -3.14 -10.54 0.77
CA ALA A 5 -3.79 -10.47 -0.53
C ALA A 5 -5.24 -10.03 -0.40
N LYS A 6 -5.55 -9.32 0.67
CA LYS A 6 -6.90 -8.84 0.92
C LYS A 6 -7.32 -7.83 -0.14
N LYS A 7 -8.63 -7.64 -0.29
CA LYS A 7 -9.16 -6.71 -1.27
C LYS A 7 -10.61 -6.34 -0.95
N TYR A 8 -10.84 -5.07 -0.66
CA TYR A 8 -12.19 -4.60 -0.33
C TYR A 8 -13.02 -4.37 -1.60
N THR A 9 -14.18 -3.75 -1.44
CA THR A 9 -15.06 -3.47 -2.57
C THR A 9 -14.66 -2.17 -3.26
N ARG A 10 -14.24 -2.28 -4.52
CA ARG A 10 -13.84 -1.12 -5.29
C ARG A 10 -14.00 -1.37 -6.79
N LYS A 11 -13.60 -0.40 -7.60
CA LYS A 11 -13.71 -0.51 -9.05
C LYS A 11 -12.47 -1.20 -9.63
N MET A 12 -11.37 -0.48 -9.68
CA MET A 12 -10.12 -1.02 -10.21
C MET A 12 -9.08 -1.18 -9.10
N TRP A 13 -9.33 -2.14 -8.21
CA TRP A 13 -8.41 -2.40 -7.10
C TRP A 13 -7.32 -3.37 -7.51
N SER A 14 -6.09 -3.06 -7.12
CA SER A 14 -4.94 -3.92 -7.47
C SER A 14 -4.10 -4.19 -6.23
N VAL A 15 -3.72 -5.46 -6.04
CA VAL A 15 -2.90 -5.85 -4.91
C VAL A 15 -1.49 -5.32 -5.03
N GLN A 16 -1.07 -5.06 -6.26
CA GLN A 16 0.28 -4.55 -6.52
C GLN A 16 0.54 -3.30 -5.69
N GLU A 17 -0.38 -2.34 -5.75
CA GLU A 17 -0.25 -1.09 -5.01
C GLU A 17 0.01 -1.37 -3.53
N SER A 18 -0.55 -2.46 -3.03
CA SER A 18 -0.39 -2.84 -1.64
C SER A 18 1.02 -3.35 -1.37
N GLU A 19 1.60 -4.00 -2.37
CA GLU A 19 2.94 -4.56 -2.25
C GLU A 19 3.99 -3.44 -2.20
N TRP A 20 3.85 -2.48 -3.10
CA TRP A 20 4.78 -1.35 -3.15
C TRP A 20 4.68 -0.49 -1.90
N LEU A 21 3.47 -0.40 -1.34
CA LEU A 21 3.24 0.38 -0.14
C LEU A 21 3.89 -0.27 1.07
N LYS A 22 3.78 -1.59 1.16
CA LYS A 22 4.36 -2.33 2.27
C LYS A 22 5.86 -2.09 2.36
N GLN A 23 6.58 -2.43 1.30
CA GLN A 23 8.02 -2.25 1.26
C GLN A 23 8.39 -0.77 1.22
N GLY A 24 7.58 0.01 0.51
CA GLY A 24 7.82 1.43 0.39
C GLY A 24 7.75 2.13 1.73
N VAL A 25 6.79 1.74 2.56
CA VAL A 25 6.62 2.34 3.88
C VAL A 25 7.68 1.84 4.85
N VAL A 26 8.16 0.63 4.62
CA VAL A 26 9.19 0.04 5.47
C VAL A 26 10.56 0.65 5.20
N ARG A 27 10.78 1.03 3.94
CA ARG A 27 12.05 1.63 3.55
C ARG A 27 11.99 3.16 3.64
N TYR A 28 10.89 3.72 3.14
CA TYR A 28 10.71 5.17 3.16
C TYR A 28 10.09 5.62 4.48
N GLY A 29 9.72 4.65 5.32
CA GLY A 29 9.12 4.97 6.60
C GLY A 29 7.75 5.60 6.46
N VAL A 30 6.78 5.08 7.22
CA VAL A 30 5.42 5.61 7.18
C VAL A 30 5.41 7.13 7.21
N GLY A 31 4.32 7.73 6.73
CA GLY A 31 4.21 9.17 6.72
C GLY A 31 4.50 9.77 5.35
N HIS A 32 5.22 9.03 4.53
CA HIS A 32 5.57 9.48 3.18
C HIS A 32 4.56 8.98 2.16
N TRP A 33 3.28 9.20 2.43
CA TRP A 33 2.22 8.76 1.54
C TRP A 33 2.48 9.23 0.11
N GLU A 34 2.96 10.46 -0.02
CA GLU A 34 3.25 11.03 -1.33
C GLU A 34 4.46 10.34 -1.97
N ARG A 35 5.61 10.48 -1.33
CA ARG A 35 6.84 9.87 -1.83
C ARG A 35 6.61 8.40 -2.18
N ILE A 36 5.83 7.72 -1.35
CA ILE A 36 5.54 6.31 -1.58
C ILE A 36 4.51 6.13 -2.69
N ARG A 37 3.58 7.09 -2.79
CA ARG A 37 2.54 7.02 -3.80
C ARG A 37 3.15 6.92 -5.20
N SER A 38 4.33 7.49 -5.37
CA SER A 38 5.02 7.45 -6.66
C SER A 38 5.44 6.03 -7.01
N ALA A 39 5.38 5.14 -6.03
CA ALA A 39 5.76 3.76 -6.23
C ALA A 39 5.04 3.16 -7.45
N PHE A 40 3.73 3.32 -7.47
CA PHE A 40 2.92 2.80 -8.57
C PHE A 40 2.39 3.93 -9.44
N PRO A 41 2.09 3.62 -10.70
CA PRO A 41 1.57 4.59 -11.66
C PRO A 41 0.15 5.03 -11.34
N PHE A 42 0.00 6.25 -10.82
CA PHE A 42 -1.30 6.78 -10.46
C PHE A 42 -1.27 8.31 -10.41
N ALA A 43 -2.27 8.93 -11.00
CA ALA A 43 -2.37 10.39 -11.03
C ALA A 43 -3.60 10.87 -10.27
N GLY A 44 -4.58 9.99 -10.11
CA GLY A 44 -5.79 10.35 -9.40
C GLY A 44 -5.72 10.05 -7.92
N ARG A 45 -5.37 8.80 -7.59
CA ARG A 45 -5.26 8.39 -6.19
C ARG A 45 -4.34 9.33 -5.42
N THR A 46 -4.85 9.87 -4.32
CA THR A 46 -4.08 10.79 -3.50
C THR A 46 -3.40 10.04 -2.34
N ALA A 47 -2.60 10.77 -1.58
CA ALA A 47 -1.89 10.19 -0.44
C ALA A 47 -2.85 9.42 0.47
N VAL A 48 -4.11 9.86 0.49
CA VAL A 48 -5.13 9.22 1.31
C VAL A 48 -5.24 7.73 1.00
N ASN A 49 -5.01 7.39 -0.26
CA ASN A 49 -5.09 6.00 -0.70
C ASN A 49 -3.95 5.18 -0.10
N LEU A 50 -2.78 5.79 -0.01
CA LEU A 50 -1.60 5.11 0.54
C LEU A 50 -1.74 4.92 2.04
N LYS A 51 -2.16 5.98 2.74
CA LYS A 51 -2.35 5.92 4.19
C LYS A 51 -3.56 5.06 4.55
N ASP A 52 -4.55 5.03 3.66
CA ASP A 52 -5.75 4.25 3.89
C ASP A 52 -5.42 2.77 4.00
N ARG A 53 -4.82 2.21 2.96
CA ARG A 53 -4.46 0.80 2.95
C ARG A 53 -3.53 0.47 4.12
N TRP A 54 -2.52 1.31 4.33
CA TRP A 54 -1.57 1.11 5.41
C TRP A 54 -2.28 1.10 6.76
N ARG A 55 -3.08 2.13 7.01
CA ARG A 55 -3.82 2.24 8.27
C ARG A 55 -4.58 0.96 8.56
N THR A 56 -5.40 0.53 7.61
CA THR A 56 -6.20 -0.67 7.77
C THR A 56 -5.32 -1.89 8.03
N MET A 57 -4.32 -2.10 7.17
CA MET A 57 -3.40 -3.22 7.31
C MET A 57 -2.75 -3.21 8.69
N VAL A 58 -2.40 -2.02 9.17
CA VAL A 58 -1.77 -1.88 10.48
C VAL A 58 -2.64 -2.50 11.58
N LYS A 59 -3.93 -2.23 11.51
CA LYS A 59 -4.87 -2.76 12.50
C LYS A 59 -4.87 -4.29 12.49
N LEU A 60 -4.79 -4.86 11.30
CA LEU A 60 -4.78 -6.32 11.15
C LEU A 60 -3.35 -6.84 11.08
N LYS A 61 -2.40 -6.03 11.54
CA LYS A 61 -1.00 -6.41 11.53
C LYS A 61 -0.69 -7.33 10.36
N MET A 62 -1.10 -6.93 9.17
CA MET A 62 -0.87 -7.72 7.96
C MET A 62 0.46 -7.33 7.30
N VAL A 63 0.80 -6.05 7.37
CA VAL A 63 2.02 -5.54 6.79
C VAL A 63 3.21 -5.79 7.71
N SER A 1 8.29 -12.96 0.66
CA SER A 1 7.20 -13.76 1.23
C SER A 1 7.17 -13.62 2.75
N THR A 2 7.01 -12.40 3.23
CA THR A 2 6.97 -12.13 4.66
C THR A 2 5.54 -11.86 5.13
N ALA A 3 4.75 -11.24 4.26
CA ALA A 3 3.37 -10.92 4.58
C ALA A 3 2.55 -12.20 4.82
N PRO A 4 1.42 -12.04 5.51
CA PRO A 4 0.53 -13.18 5.83
C PRO A 4 -0.18 -13.72 4.59
N ALA A 5 -0.59 -12.82 3.70
CA ALA A 5 -1.28 -13.21 2.48
C ALA A 5 -0.30 -13.82 1.48
N LYS A 6 -0.40 -15.13 1.29
CA LYS A 6 0.48 -15.84 0.36
C LYS A 6 -0.21 -16.04 -0.98
N LYS A 7 -0.63 -14.94 -1.60
CA LYS A 7 -1.30 -14.99 -2.90
C LYS A 7 -2.52 -15.91 -2.84
N TYR A 8 -3.34 -15.72 -1.82
CA TYR A 8 -4.55 -16.53 -1.65
C TYR A 8 -5.81 -15.68 -1.78
N THR A 9 -5.67 -14.39 -1.47
CA THR A 9 -6.79 -13.46 -1.54
C THR A 9 -6.60 -12.47 -2.67
N ARG A 10 -7.68 -12.21 -3.42
CA ARG A 10 -7.63 -11.27 -4.53
C ARG A 10 -8.79 -10.27 -4.46
N LYS A 11 -8.71 -9.21 -5.26
CA LYS A 11 -9.75 -8.19 -5.28
C LYS A 11 -9.53 -7.23 -6.46
N MET A 12 -10.45 -6.28 -6.60
CA MET A 12 -10.36 -5.30 -7.67
C MET A 12 -9.00 -4.61 -7.68
N TRP A 13 -8.53 -4.25 -6.49
CA TRP A 13 -7.23 -3.59 -6.36
C TRP A 13 -6.09 -4.53 -6.73
N SER A 14 -5.09 -4.00 -7.41
CA SER A 14 -3.94 -4.79 -7.83
C SER A 14 -3.02 -5.09 -6.65
N VAL A 15 -2.71 -6.37 -6.46
CA VAL A 15 -1.83 -6.78 -5.36
C VAL A 15 -0.46 -6.12 -5.47
N GLN A 16 -0.04 -5.86 -6.70
CA GLN A 16 1.26 -5.23 -6.95
C GLN A 16 1.39 -3.92 -6.16
N GLU A 17 0.41 -3.04 -6.34
CA GLU A 17 0.41 -1.75 -5.64
C GLU A 17 0.56 -1.95 -4.14
N SER A 18 -0.04 -3.02 -3.62
CA SER A 18 0.01 -3.31 -2.19
C SER A 18 1.43 -3.73 -1.78
N GLU A 19 2.14 -4.35 -2.71
CA GLU A 19 3.51 -4.80 -2.45
C GLU A 19 4.45 -3.61 -2.31
N TRP A 20 4.29 -2.64 -3.19
CA TRP A 20 5.14 -1.44 -3.17
C TRP A 20 4.80 -0.55 -1.98
N LEU A 21 3.53 -0.59 -1.57
CA LEU A 21 3.07 0.22 -0.44
C LEU A 21 3.65 -0.31 0.87
N LYS A 22 3.51 -1.62 1.10
CA LYS A 22 4.02 -2.25 2.30
C LYS A 22 5.52 -2.03 2.45
N GLN A 23 6.29 -2.52 1.48
CA GLN A 23 7.73 -2.37 1.49
C GLN A 23 8.13 -0.89 1.42
N GLY A 24 7.37 -0.11 0.67
CA GLY A 24 7.65 1.30 0.53
C GLY A 24 7.62 2.03 1.86
N VAL A 25 6.63 1.73 2.68
CA VAL A 25 6.48 2.35 3.98
C VAL A 25 7.50 1.80 4.98
N VAL A 26 7.92 0.56 4.76
CA VAL A 26 8.89 -0.09 5.63
C VAL A 26 10.30 0.45 5.38
N ARG A 27 10.57 0.82 4.13
CA ARG A 27 11.87 1.35 3.77
C ARG A 27 11.88 2.88 3.81
N TYR A 28 10.82 3.49 3.28
CA TYR A 28 10.71 4.94 3.28
C TYR A 28 10.11 5.45 4.59
N GLY A 29 9.65 4.53 5.42
CA GLY A 29 9.07 4.90 6.70
C GLY A 29 7.76 5.64 6.53
N VAL A 30 6.74 5.23 7.28
CA VAL A 30 5.43 5.86 7.22
C VAL A 30 5.56 7.38 7.23
N GLY A 31 4.52 8.05 6.75
CA GLY A 31 4.53 9.51 6.72
C GLY A 31 4.82 10.05 5.33
N HIS A 32 5.48 9.24 4.51
CA HIS A 32 5.83 9.64 3.15
C HIS A 32 4.80 9.13 2.15
N TRP A 33 3.53 9.36 2.45
CA TRP A 33 2.44 8.91 1.57
C TRP A 33 2.70 9.35 0.13
N GLU A 34 3.23 10.54 -0.03
CA GLU A 34 3.53 11.07 -1.37
C GLU A 34 4.68 10.30 -2.02
N ARG A 35 5.86 10.39 -1.40
CA ARG A 35 7.04 9.71 -1.92
C ARG A 35 6.73 8.25 -2.24
N ILE A 36 5.92 7.63 -1.38
CA ILE A 36 5.55 6.23 -1.57
C ILE A 36 4.48 6.09 -2.65
N ARG A 37 3.60 7.08 -2.74
CA ARG A 37 2.53 7.07 -3.73
C ARG A 37 3.09 6.88 -5.13
N SER A 38 4.31 7.36 -5.35
CA SER A 38 4.96 7.24 -6.65
C SER A 38 5.15 5.78 -7.04
N ALA A 39 5.03 4.89 -6.05
CA ALA A 39 5.19 3.46 -6.29
C ALA A 39 4.38 3.01 -7.49
N PHE A 40 3.09 3.30 -7.47
CA PHE A 40 2.21 2.93 -8.57
C PHE A 40 1.79 4.15 -9.39
N PRO A 41 1.51 3.93 -10.68
CA PRO A 41 1.10 5.01 -11.60
C PRO A 41 -0.30 5.53 -11.27
N PHE A 42 -0.39 6.37 -10.25
CA PHE A 42 -1.67 6.94 -9.85
C PHE A 42 -1.78 8.39 -10.31
N ALA A 43 -2.86 8.69 -11.01
CA ALA A 43 -3.09 10.04 -11.51
C ALA A 43 -4.19 10.74 -10.72
N GLY A 44 -5.05 9.95 -10.10
CA GLY A 44 -6.14 10.51 -9.31
C GLY A 44 -6.00 10.22 -7.83
N ARG A 45 -5.54 9.01 -7.51
CA ARG A 45 -5.36 8.60 -6.13
C ARG A 45 -4.42 9.54 -5.39
N THR A 46 -4.88 10.11 -4.29
CA THR A 46 -4.07 11.04 -3.50
C THR A 46 -3.37 10.31 -2.36
N ALA A 47 -2.52 11.05 -1.64
CA ALA A 47 -1.78 10.47 -0.52
C ALA A 47 -2.72 9.75 0.45
N VAL A 48 -3.96 10.21 0.51
CA VAL A 48 -4.96 9.61 1.40
C VAL A 48 -5.10 8.12 1.12
N ASN A 49 -4.94 7.73 -0.13
CA ASN A 49 -5.06 6.34 -0.53
C ASN A 49 -3.94 5.50 0.09
N LEU A 50 -2.74 6.08 0.14
CA LEU A 50 -1.58 5.38 0.70
C LEU A 50 -1.72 5.25 2.22
N LYS A 51 -2.06 6.35 2.88
CA LYS A 51 -2.22 6.35 4.32
C LYS A 51 -3.46 5.56 4.74
N ASP A 52 -4.43 5.47 3.83
CA ASP A 52 -5.66 4.73 4.10
C ASP A 52 -5.37 3.25 4.28
N ARG A 53 -4.89 2.61 3.22
CA ARG A 53 -4.58 1.18 3.26
C ARG A 53 -3.62 0.87 4.41
N TRP A 54 -2.62 1.72 4.58
CA TRP A 54 -1.65 1.53 5.65
C TRP A 54 -2.32 1.40 7.00
N ARG A 55 -3.25 2.31 7.29
CA ARG A 55 -3.97 2.30 8.55
C ARG A 55 -4.72 0.98 8.73
N THR A 56 -5.45 0.56 7.70
CA THR A 56 -6.21 -0.67 7.75
C THR A 56 -5.29 -1.88 7.96
N MET A 57 -4.26 -1.98 7.13
CA MET A 57 -3.31 -3.07 7.24
C MET A 57 -2.70 -3.15 8.64
N VAL A 58 -2.51 -1.98 9.25
CA VAL A 58 -1.94 -1.91 10.60
C VAL A 58 -2.85 -2.59 11.61
N LYS A 59 -4.15 -2.36 11.48
CA LYS A 59 -5.13 -2.95 12.38
C LYS A 59 -5.10 -4.47 12.31
N LEU A 60 -4.95 -4.99 11.10
CA LEU A 60 -4.90 -6.44 10.89
C LEU A 60 -3.46 -6.94 10.88
N LYS A 61 -2.55 -6.12 11.42
CA LYS A 61 -1.14 -6.48 11.47
C LYS A 61 -0.76 -7.36 10.29
N MET A 62 -1.12 -6.93 9.10
CA MET A 62 -0.80 -7.67 7.88
C MET A 62 0.49 -7.18 7.25
N VAL A 63 0.82 -5.92 7.51
CA VAL A 63 2.04 -5.32 6.97
C VAL A 63 3.17 -5.39 7.98
N SER A 1 7.55 -14.81 4.67
CA SER A 1 6.76 -13.73 4.07
C SER A 1 5.63 -13.31 4.98
N THR A 2 5.90 -12.34 5.85
CA THR A 2 4.91 -11.84 6.78
C THR A 2 3.63 -11.43 6.06
N ALA A 3 3.78 -10.95 4.83
CA ALA A 3 2.63 -10.53 4.03
C ALA A 3 1.80 -11.73 3.58
N PRO A 4 0.54 -11.47 3.21
CA PRO A 4 -0.39 -12.51 2.77
C PRO A 4 0.01 -13.07 1.40
N ALA A 5 0.49 -12.21 0.52
CA ALA A 5 0.89 -12.62 -0.81
C ALA A 5 -0.27 -13.25 -1.58
N LYS A 6 -1.47 -12.72 -1.35
CA LYS A 6 -2.66 -13.22 -2.02
C LYS A 6 -3.07 -12.31 -3.16
N LYS A 7 -3.21 -12.87 -4.36
CA LYS A 7 -3.60 -12.11 -5.54
C LYS A 7 -4.77 -12.77 -6.25
N TYR A 8 -5.74 -13.24 -5.48
CA TYR A 8 -6.92 -13.89 -6.04
C TYR A 8 -8.16 -13.03 -5.87
N THR A 9 -8.03 -11.74 -6.18
CA THR A 9 -9.14 -10.80 -6.07
C THR A 9 -9.55 -10.26 -7.42
N ARG A 10 -10.83 -10.36 -7.74
CA ARG A 10 -11.35 -9.87 -9.01
C ARG A 10 -11.88 -8.44 -8.87
N LYS A 11 -10.99 -7.47 -9.02
CA LYS A 11 -11.36 -6.06 -8.91
C LYS A 11 -10.36 -5.18 -9.64
N MET A 12 -10.77 -3.95 -9.95
CA MET A 12 -9.90 -3.01 -10.65
C MET A 12 -8.63 -2.76 -9.85
N TRP A 13 -8.72 -2.88 -8.53
CA TRP A 13 -7.57 -2.67 -7.66
C TRP A 13 -6.56 -3.80 -7.81
N SER A 14 -5.30 -3.45 -7.94
CA SER A 14 -4.23 -4.44 -8.09
C SER A 14 -3.45 -4.60 -6.79
N VAL A 15 -3.21 -5.84 -6.40
CA VAL A 15 -2.48 -6.15 -5.18
C VAL A 15 -1.05 -5.65 -5.27
N GLN A 16 -0.53 -5.56 -6.49
CA GLN A 16 0.83 -5.09 -6.71
C GLN A 16 1.08 -3.75 -6.02
N GLU A 17 0.14 -2.82 -6.20
CA GLU A 17 0.25 -1.51 -5.59
C GLU A 17 0.45 -1.61 -4.08
N SER A 18 -0.29 -2.52 -3.45
CA SER A 18 -0.19 -2.72 -2.01
C SER A 18 1.20 -3.20 -1.63
N GLU A 19 1.76 -4.09 -2.44
CA GLU A 19 3.09 -4.63 -2.18
C GLU A 19 4.12 -3.52 -2.07
N TRP A 20 4.09 -2.59 -3.02
CA TRP A 20 5.03 -1.47 -3.02
C TRP A 20 4.76 -0.53 -1.85
N LEU A 21 3.49 -0.44 -1.44
CA LEU A 21 3.10 0.42 -0.34
C LEU A 21 3.64 -0.12 0.99
N LYS A 22 3.39 -1.41 1.24
CA LYS A 22 3.85 -2.04 2.47
C LYS A 22 5.36 -1.91 2.62
N GLN A 23 6.09 -2.42 1.63
CA GLN A 23 7.55 -2.37 1.65
C GLN A 23 8.04 -0.92 1.54
N GLY A 24 7.26 -0.09 0.87
CA GLY A 24 7.63 1.31 0.71
C GLY A 24 7.60 2.07 2.02
N VAL A 25 6.58 1.80 2.83
CA VAL A 25 6.44 2.48 4.12
C VAL A 25 7.44 1.94 5.13
N VAL A 26 7.84 0.68 4.96
CA VAL A 26 8.80 0.04 5.86
C VAL A 26 10.21 0.55 5.60
N ARG A 27 10.50 0.87 4.35
CA ARG A 27 11.82 1.37 3.97
C ARG A 27 11.85 2.89 3.98
N TYR A 28 10.81 3.51 3.45
CA TYR A 28 10.72 4.97 3.40
C TYR A 28 10.13 5.52 4.69
N GLY A 29 9.64 4.62 5.54
CA GLY A 29 9.05 5.03 6.80
C GLY A 29 7.76 5.81 6.61
N VAL A 30 6.73 5.42 7.36
CA VAL A 30 5.44 6.08 7.27
C VAL A 30 5.59 7.60 7.25
N GLY A 31 4.59 8.29 6.72
CA GLY A 31 4.64 9.74 6.65
C GLY A 31 4.98 10.24 5.26
N HIS A 32 5.59 9.38 4.46
CA HIS A 32 5.98 9.73 3.11
C HIS A 32 4.94 9.27 2.10
N TRP A 33 3.67 9.54 2.39
CA TRP A 33 2.58 9.14 1.51
C TRP A 33 2.87 9.55 0.06
N GLU A 34 3.48 10.71 -0.11
CA GLU A 34 3.81 11.21 -1.44
C GLU A 34 4.95 10.39 -2.06
N ARG A 35 6.11 10.45 -1.44
CA ARG A 35 7.27 9.71 -1.94
C ARG A 35 6.92 8.26 -2.22
N ILE A 36 6.08 7.68 -1.37
CA ILE A 36 5.66 6.30 -1.53
C ILE A 36 4.59 6.17 -2.62
N ARG A 37 3.76 7.20 -2.73
CA ARG A 37 2.70 7.20 -3.73
C ARG A 37 3.26 6.97 -5.13
N SER A 38 4.48 7.45 -5.36
CA SER A 38 5.13 7.30 -6.66
C SER A 38 5.38 5.83 -6.97
N ALA A 39 5.28 4.98 -5.94
CA ALA A 39 5.50 3.55 -6.12
C ALA A 39 4.50 2.96 -7.12
N PHE A 40 3.22 3.28 -6.92
CA PHE A 40 2.18 2.78 -7.80
C PHE A 40 1.78 3.83 -8.82
N PRO A 41 1.26 3.38 -9.98
CA PRO A 41 0.82 4.27 -11.05
C PRO A 41 -0.44 5.06 -10.69
N PHE A 42 -0.27 6.09 -9.88
CA PHE A 42 -1.39 6.92 -9.45
C PHE A 42 -2.13 7.51 -10.66
N ALA A 43 -3.45 7.42 -10.64
CA ALA A 43 -4.27 7.95 -11.72
C ALA A 43 -5.47 8.71 -11.18
N GLY A 44 -5.33 9.24 -9.98
CA GLY A 44 -6.42 10.00 -9.37
C GLY A 44 -6.42 9.89 -7.85
N ARG A 45 -5.70 8.91 -7.33
CA ARG A 45 -5.62 8.71 -5.89
C ARG A 45 -4.66 9.72 -5.25
N THR A 46 -5.06 10.25 -4.10
CA THR A 46 -4.24 11.23 -3.38
C THR A 46 -3.36 10.55 -2.34
N ALA A 47 -2.49 11.33 -1.71
CA ALA A 47 -1.60 10.81 -0.68
C ALA A 47 -2.37 10.04 0.38
N VAL A 48 -3.63 10.43 0.58
CA VAL A 48 -4.47 9.78 1.58
C VAL A 48 -4.66 8.30 1.26
N ASN A 49 -4.69 7.98 -0.03
CA ASN A 49 -4.86 6.60 -0.47
C ASN A 49 -3.73 5.72 0.06
N LEU A 50 -2.55 6.31 0.21
CA LEU A 50 -1.39 5.57 0.70
C LEU A 50 -1.47 5.38 2.21
N LYS A 51 -1.63 6.49 2.94
CA LYS A 51 -1.72 6.44 4.39
C LYS A 51 -2.95 5.65 4.83
N ASP A 52 -3.95 5.58 3.96
CA ASP A 52 -5.18 4.86 4.26
C ASP A 52 -4.95 3.36 4.22
N ARG A 53 -4.55 2.85 3.05
CA ARG A 53 -4.29 1.44 2.87
C ARG A 53 -3.30 0.92 3.92
N TRP A 54 -2.40 1.80 4.34
CA TRP A 54 -1.39 1.45 5.34
C TRP A 54 -2.03 1.21 6.70
N ARG A 55 -2.92 2.13 7.10
CA ARG A 55 -3.59 2.02 8.39
C ARG A 55 -4.43 0.75 8.45
N THR A 56 -5.22 0.51 7.41
CA THR A 56 -6.07 -0.67 7.35
C THR A 56 -5.25 -1.95 7.42
N MET A 57 -4.23 -2.05 6.57
CA MET A 57 -3.37 -3.22 6.54
C MET A 57 -2.76 -3.48 7.91
N VAL A 58 -2.47 -2.40 8.64
CA VAL A 58 -1.89 -2.51 9.96
C VAL A 58 -2.85 -3.18 10.94
N LYS A 59 -4.13 -2.85 10.84
CA LYS A 59 -5.15 -3.43 11.70
C LYS A 59 -5.26 -4.93 11.48
N LEU A 60 -5.15 -5.36 10.23
CA LEU A 60 -5.24 -6.77 9.89
C LEU A 60 -3.85 -7.41 9.85
N LYS A 61 -2.87 -6.74 10.47
CA LYS A 61 -1.50 -7.24 10.51
C LYS A 61 -1.17 -8.03 9.25
N MET A 62 -1.50 -7.46 8.09
CA MET A 62 -1.24 -8.12 6.82
C MET A 62 -0.10 -7.42 6.08
N VAL A 63 0.66 -6.61 6.80
CA VAL A 63 1.78 -5.88 6.21
C VAL A 63 3.10 -6.33 6.82
N SER A 1 10.83 -11.42 3.07
CA SER A 1 9.60 -11.90 3.69
C SER A 1 9.30 -11.13 4.98
N THR A 2 8.28 -10.28 4.93
CA THR A 2 7.89 -9.48 6.09
C THR A 2 6.40 -9.63 6.38
N ALA A 3 5.60 -9.67 5.32
CA ALA A 3 4.16 -9.82 5.46
C ALA A 3 3.76 -11.27 5.70
N PRO A 4 2.56 -11.49 6.25
CA PRO A 4 2.05 -12.83 6.52
C PRO A 4 1.71 -13.60 5.25
N ALA A 5 1.19 -12.88 4.25
CA ALA A 5 0.84 -13.50 2.99
C ALA A 5 0.32 -12.47 1.99
N LYS A 6 0.35 -12.82 0.72
CA LYS A 6 -0.12 -11.91 -0.33
C LYS A 6 -1.02 -12.65 -1.32
N LYS A 7 -1.87 -13.51 -0.81
CA LYS A 7 -2.79 -14.28 -1.65
C LYS A 7 -4.20 -14.28 -1.06
N TYR A 8 -4.53 -13.22 -0.33
CA TYR A 8 -5.85 -13.11 0.29
C TYR A 8 -6.55 -11.84 -0.16
N THR A 9 -6.75 -11.72 -1.47
CA THR A 9 -7.42 -10.55 -2.03
C THR A 9 -8.81 -10.88 -2.53
N ARG A 10 -9.77 -10.03 -2.23
CA ARG A 10 -11.15 -10.24 -2.65
C ARG A 10 -11.61 -9.14 -3.60
N LYS A 11 -11.28 -7.89 -3.27
CA LYS A 11 -11.66 -6.75 -4.10
C LYS A 11 -10.96 -6.82 -5.44
N MET A 12 -11.17 -5.78 -6.26
CA MET A 12 -10.56 -5.72 -7.58
C MET A 12 -9.29 -4.87 -7.56
N TRP A 13 -8.65 -4.80 -6.39
CA TRP A 13 -7.44 -4.02 -6.23
C TRP A 13 -6.21 -4.85 -6.61
N SER A 14 -5.24 -4.20 -7.25
CA SER A 14 -4.02 -4.88 -7.67
C SER A 14 -3.10 -5.12 -6.47
N VAL A 15 -2.61 -6.35 -6.36
CA VAL A 15 -1.71 -6.72 -5.27
C VAL A 15 -0.42 -5.93 -5.33
N GLN A 16 -0.02 -5.54 -6.54
CA GLN A 16 1.20 -4.77 -6.72
C GLN A 16 1.21 -3.53 -5.84
N GLU A 17 0.13 -2.77 -5.89
CA GLU A 17 0.01 -1.55 -5.08
C GLU A 17 0.31 -1.84 -3.61
N SER A 18 -0.51 -2.69 -3.00
CA SER A 18 -0.33 -3.04 -1.60
C SER A 18 1.08 -3.57 -1.34
N GLU A 19 1.66 -4.20 -2.36
CA GLU A 19 3.01 -4.75 -2.24
C GLU A 19 4.05 -3.63 -2.14
N TRP A 20 3.97 -2.67 -3.05
CA TRP A 20 4.90 -1.56 -3.06
C TRP A 20 4.63 -0.62 -1.88
N LEU A 21 3.38 -0.55 -1.46
CA LEU A 21 2.99 0.31 -0.35
C LEU A 21 3.54 -0.23 0.97
N LYS A 22 3.31 -1.51 1.22
CA LYS A 22 3.78 -2.16 2.44
C LYS A 22 5.29 -2.01 2.58
N GLN A 23 6.01 -2.49 1.59
CA GLN A 23 7.47 -2.41 1.61
C GLN A 23 7.94 -0.96 1.55
N GLY A 24 7.24 -0.15 0.76
CA GLY A 24 7.59 1.25 0.62
C GLY A 24 7.59 1.98 1.96
N VAL A 25 6.58 1.71 2.77
CA VAL A 25 6.46 2.35 4.09
C VAL A 25 7.47 1.76 5.07
N VAL A 26 7.83 0.50 4.86
CA VAL A 26 8.78 -0.18 5.73
C VAL A 26 10.20 0.27 5.44
N ARG A 27 10.47 0.58 4.17
CA ARG A 27 11.80 1.02 3.77
C ARG A 27 11.92 2.54 3.86
N TYR A 28 10.88 3.23 3.40
CA TYR A 28 10.88 4.69 3.42
C TYR A 28 10.43 5.22 4.78
N GLY A 29 9.42 4.56 5.36
CA GLY A 29 8.91 4.97 6.65
C GLY A 29 7.62 5.75 6.55
N VAL A 30 6.65 5.41 7.39
CA VAL A 30 5.36 6.08 7.39
C VAL A 30 5.53 7.59 7.33
N GLY A 31 4.52 8.28 6.81
CA GLY A 31 4.57 9.73 6.71
C GLY A 31 4.91 10.19 5.31
N HIS A 32 5.55 9.32 4.54
CA HIS A 32 5.94 9.65 3.16
C HIS A 32 4.89 9.18 2.17
N TRP A 33 3.64 9.54 2.43
CA TRP A 33 2.54 9.14 1.56
C TRP A 33 2.83 9.50 0.10
N GLU A 34 3.36 10.69 -0.11
CA GLU A 34 3.70 11.16 -1.46
C GLU A 34 4.88 10.38 -2.02
N ARG A 35 6.03 10.50 -1.35
CA ARG A 35 7.24 9.82 -1.77
C ARG A 35 6.96 8.35 -2.08
N ILE A 36 6.14 7.73 -1.24
CA ILE A 36 5.78 6.33 -1.43
C ILE A 36 4.75 6.16 -2.53
N ARG A 37 3.87 7.14 -2.65
CA ARG A 37 2.82 7.09 -3.68
C ARG A 37 3.42 6.86 -5.06
N SER A 38 4.66 7.30 -5.25
CA SER A 38 5.34 7.13 -6.52
C SER A 38 5.42 5.66 -6.91
N ALA A 39 5.28 4.79 -5.92
CA ALA A 39 5.32 3.36 -6.15
C ALA A 39 4.41 2.95 -7.31
N PHE A 40 3.16 3.36 -7.22
CA PHE A 40 2.18 3.04 -8.26
C PHE A 40 1.71 4.31 -8.98
N PRO A 41 1.62 4.23 -10.31
CA PRO A 41 1.18 5.35 -11.14
C PRO A 41 -0.30 5.67 -10.96
N PHE A 42 -0.62 6.35 -9.87
CA PHE A 42 -2.00 6.72 -9.59
C PHE A 42 -2.38 8.00 -10.32
N ALA A 43 -3.34 7.88 -11.24
CA ALA A 43 -3.80 9.01 -12.02
C ALA A 43 -5.15 9.51 -11.51
N GLY A 44 -5.47 9.17 -10.27
CA GLY A 44 -6.73 9.59 -9.68
C GLY A 44 -6.81 9.29 -8.19
N ARG A 45 -5.65 9.27 -7.54
CA ARG A 45 -5.59 8.99 -6.11
C ARG A 45 -4.64 9.95 -5.41
N THR A 46 -5.05 10.44 -4.24
CA THR A 46 -4.23 11.37 -3.47
C THR A 46 -3.38 10.63 -2.44
N ALA A 47 -2.51 11.37 -1.75
CA ALA A 47 -1.65 10.78 -0.74
C ALA A 47 -2.46 10.01 0.29
N VAL A 48 -3.71 10.42 0.49
CA VAL A 48 -4.60 9.76 1.45
C VAL A 48 -4.75 8.28 1.12
N ASN A 49 -4.72 7.96 -0.17
CA ASN A 49 -4.86 6.58 -0.62
C ASN A 49 -3.77 5.71 -0.04
N LEU A 50 -2.59 6.29 0.16
CA LEU A 50 -1.45 5.56 0.71
C LEU A 50 -1.60 5.39 2.22
N LYS A 51 -1.79 6.50 2.92
CA LYS A 51 -1.96 6.47 4.38
C LYS A 51 -3.19 5.66 4.77
N ASP A 52 -4.15 5.57 3.85
CA ASP A 52 -5.37 4.82 4.10
C ASP A 52 -5.11 3.31 4.10
N ARG A 53 -4.65 2.81 2.96
CA ARG A 53 -4.37 1.38 2.83
C ARG A 53 -3.38 0.93 3.91
N TRP A 54 -2.55 1.84 4.37
CA TRP A 54 -1.57 1.53 5.40
C TRP A 54 -2.25 1.31 6.76
N ARG A 55 -3.18 2.20 7.10
CA ARG A 55 -3.90 2.10 8.37
C ARG A 55 -4.62 0.76 8.48
N THR A 56 -5.35 0.40 7.42
CA THR A 56 -6.08 -0.86 7.40
C THR A 56 -5.15 -2.06 7.56
N MET A 57 -4.10 -2.10 6.75
CA MET A 57 -3.13 -3.19 6.81
C MET A 57 -2.54 -3.30 8.21
N VAL A 58 -2.35 -2.17 8.87
CA VAL A 58 -1.80 -2.14 10.22
C VAL A 58 -2.69 -2.88 11.19
N LYS A 59 -4.00 -2.67 11.07
CA LYS A 59 -4.96 -3.32 11.95
C LYS A 59 -4.90 -4.84 11.80
N LEU A 60 -4.73 -5.31 10.57
CA LEU A 60 -4.65 -6.73 10.29
C LEU A 60 -3.20 -7.20 10.29
N LYS A 61 -2.32 -6.40 10.88
CA LYS A 61 -0.91 -6.74 10.96
C LYS A 61 -0.46 -7.54 9.74
N MET A 62 -0.84 -7.06 8.55
CA MET A 62 -0.49 -7.74 7.31
C MET A 62 0.62 -6.98 6.58
N VAL A 63 1.29 -6.08 7.30
CA VAL A 63 2.37 -5.29 6.71
C VAL A 63 3.67 -5.51 7.47
#